data_2LMK
#
_entry.id   2LMK
#
_entity_poly.entity_id   1
_entity_poly.type   'polypeptide(L)'
_entity_poly.pdbx_seq_one_letter_code
;GSNPDPQEVQRALARILCALGELDKLVKDQANAGQQEFKLPKDFTGRSKCRSLGRIK
;
_entity_poly.pdbx_strand_id   A
#
# COMPACT_ATOMS: atom_id res chain seq x y z
N GLY A 1 -5.39 3.18 -18.95
CA GLY A 1 -4.07 3.24 -19.56
C GLY A 1 -3.28 1.97 -19.31
N SER A 2 -2.64 1.88 -18.15
CA SER A 2 -1.83 0.72 -17.80
C SER A 2 -1.51 0.71 -16.31
N ASN A 3 -1.55 -0.47 -15.71
CA ASN A 3 -1.25 -0.62 -14.29
C ASN A 3 0.11 -0.04 -13.96
N PRO A 4 0.33 0.26 -12.67
CA PRO A 4 1.60 0.82 -12.19
C PRO A 4 2.75 -0.19 -12.25
N ASP A 5 3.86 0.16 -11.61
CA ASP A 5 5.03 -0.72 -11.60
C ASP A 5 5.32 -1.22 -10.18
N PRO A 6 6.10 -2.31 -10.08
CA PRO A 6 6.46 -2.89 -8.80
C PRO A 6 7.43 -2.01 -8.00
N GLN A 7 7.86 -0.92 -8.63
CA GLN A 7 8.78 0.01 -7.97
C GLN A 7 8.02 1.10 -7.22
N GLU A 8 6.90 1.53 -7.80
CA GLU A 8 6.08 2.57 -7.18
C GLU A 8 5.03 1.96 -6.26
N VAL A 9 4.48 0.81 -6.66
CA VAL A 9 3.47 0.13 -5.87
C VAL A 9 4.07 -0.47 -4.61
N GLN A 10 5.22 -1.13 -4.76
CA GLN A 10 5.90 -1.75 -3.62
C GLN A 10 6.07 -0.75 -2.49
N ARG A 11 6.62 0.43 -2.81
CA ARG A 11 6.84 1.46 -1.82
C ARG A 11 5.53 2.01 -1.30
N ALA A 12 4.45 1.77 -2.04
CA ALA A 12 3.13 2.24 -1.65
C ALA A 12 2.44 1.24 -0.73
N LEU A 13 2.85 -0.02 -0.82
CA LEU A 13 2.27 -1.08 0.00
C LEU A 13 2.45 -0.77 1.48
N ALA A 14 3.69 -0.51 1.88
CA ALA A 14 3.99 -0.19 3.27
C ALA A 14 3.54 1.21 3.64
N ARG A 15 3.09 1.97 2.63
CA ARG A 15 2.63 3.33 2.84
C ARG A 15 1.18 3.35 3.27
N ILE A 16 0.54 2.17 3.28
CA ILE A 16 -0.85 2.05 3.67
C ILE A 16 -1.05 2.49 5.12
N LEU A 17 0.02 2.44 5.90
CA LEU A 17 -0.04 2.82 7.30
C LEU A 17 0.18 4.32 7.47
N CYS A 18 0.85 4.93 6.49
CA CYS A 18 1.11 6.36 6.52
C CYS A 18 -0.01 7.14 5.84
N ALA A 19 -0.57 6.55 4.79
CA ALA A 19 -1.66 7.19 4.05
C ALA A 19 -2.96 7.12 4.83
N LEU A 20 -3.46 5.90 5.04
CA LEU A 20 -4.71 5.70 5.76
C LEU A 20 -5.87 6.37 5.04
N GLY A 21 -6.39 5.73 4.01
CA GLY A 21 -7.49 6.28 3.26
C GLY A 21 -7.10 6.67 1.85
N GLU A 22 -5.81 6.80 1.61
CA GLU A 22 -5.31 7.17 0.28
C GLU A 22 -4.78 5.94 -0.45
N LEU A 23 -3.99 5.13 0.25
CA LEU A 23 -3.42 3.93 -0.34
C LEU A 23 -4.51 2.92 -0.70
N ASP A 24 -5.65 3.03 -0.04
CA ASP A 24 -6.77 2.14 -0.28
C ASP A 24 -7.20 2.19 -1.75
N LYS A 25 -6.87 3.30 -2.41
CA LYS A 25 -7.22 3.48 -3.82
C LYS A 25 -6.31 2.65 -4.72
N LEU A 26 -5.11 2.37 -4.23
CA LEU A 26 -4.14 1.59 -5.00
C LEU A 26 -4.32 0.09 -4.73
N VAL A 27 -4.39 -0.27 -3.46
CA VAL A 27 -4.56 -1.67 -3.06
C VAL A 27 -5.78 -2.29 -3.76
N LYS A 28 -6.76 -1.44 -4.08
CA LYS A 28 -7.97 -1.90 -4.75
C LYS A 28 -7.73 -2.08 -6.24
N ASP A 29 -7.03 -1.12 -6.85
CA ASP A 29 -6.74 -1.18 -8.27
C ASP A 29 -5.41 -1.90 -8.53
N GLN A 30 -4.93 -2.61 -7.52
CA GLN A 30 -3.68 -3.34 -7.63
C GLN A 30 -3.86 -4.81 -7.26
N ALA A 31 -4.50 -5.05 -6.11
CA ALA A 31 -4.75 -6.40 -5.65
C ALA A 31 -6.00 -6.99 -6.30
N ASN A 32 -6.74 -6.15 -7.00
CA ASN A 32 -7.97 -6.59 -7.67
C ASN A 32 -7.98 -6.14 -9.13
N ALA A 33 -6.86 -5.56 -9.58
CA ALA A 33 -6.74 -5.10 -10.95
C ALA A 33 -5.44 -5.59 -11.58
N GLY A 34 -4.69 -6.39 -10.84
CA GLY A 34 -3.44 -6.92 -11.34
C GLY A 34 -2.30 -6.78 -10.34
N GLN A 35 -2.17 -7.77 -9.47
CA GLN A 35 -1.12 -7.76 -8.46
C GLN A 35 0.16 -8.39 -8.99
N GLN A 36 0.19 -8.65 -10.30
CA GLN A 36 1.36 -9.26 -10.93
C GLN A 36 2.54 -8.29 -10.93
N GLU A 37 2.27 -7.03 -10.60
CA GLU A 37 3.31 -6.02 -10.58
C GLU A 37 4.44 -6.43 -9.63
N PHE A 38 4.22 -6.22 -8.34
CA PHE A 38 5.21 -6.57 -7.33
C PHE A 38 5.14 -8.05 -6.97
N LYS A 39 5.94 -8.45 -5.98
CA LYS A 39 5.97 -9.84 -5.55
C LYS A 39 5.87 -9.95 -4.03
N LEU A 40 5.64 -8.80 -3.39
CA LEU A 40 5.53 -8.76 -1.93
C LEU A 40 4.08 -8.94 -1.49
N PRO A 41 3.88 -9.61 -0.35
CA PRO A 41 2.55 -9.86 0.21
C PRO A 41 1.89 -8.58 0.72
N LYS A 42 0.59 -8.67 1.04
CA LYS A 42 -0.15 -7.54 1.54
C LYS A 42 -0.09 -7.47 3.07
N ASP A 43 0.18 -8.61 3.68
CA ASP A 43 0.28 -8.68 5.14
C ASP A 43 1.56 -8.03 5.64
N PHE A 44 2.57 -7.99 4.77
CA PHE A 44 3.85 -7.39 5.13
C PHE A 44 3.68 -5.94 5.55
N THR A 45 2.58 -5.32 5.11
CA THR A 45 2.29 -3.94 5.44
C THR A 45 1.47 -3.83 6.72
N GLY A 46 1.87 -4.60 7.73
CA GLY A 46 1.15 -4.57 8.99
C GLY A 46 1.73 -3.57 9.98
N ARG A 47 2.99 -3.19 9.75
CA ARG A 47 3.67 -2.24 10.62
C ARG A 47 4.66 -1.39 9.83
N SER A 48 4.71 -0.10 10.14
CA SER A 48 5.62 0.81 9.47
C SER A 48 6.20 1.83 10.44
N LYS A 49 7.02 2.74 9.93
CA LYS A 49 7.64 3.78 10.74
C LYS A 49 6.74 5.00 10.87
N CYS A 50 5.84 5.16 9.88
CA CYS A 50 4.91 6.28 9.88
C CYS A 50 3.59 5.90 10.54
N ARG A 51 3.54 6.03 11.87
CA ARG A 51 2.34 5.70 12.61
C ARG A 51 1.13 6.44 12.05
N SER A 52 -0.06 5.96 12.39
CA SER A 52 -1.30 6.57 11.93
C SER A 52 -1.31 8.07 12.22
N LEU A 53 -0.66 8.45 13.31
CA LEU A 53 -0.60 9.86 13.71
C LEU A 53 -2.00 10.45 13.82
N GLY A 54 -2.97 9.61 14.12
CA GLY A 54 -4.34 10.07 14.26
C GLY A 54 -4.84 10.00 15.69
N ARG A 55 -4.65 8.85 16.32
CA ARG A 55 -5.08 8.66 17.70
C ARG A 55 -3.99 9.05 18.68
N ILE A 56 -3.41 10.23 18.47
CA ILE A 56 -2.34 10.72 19.33
C ILE A 56 -2.89 11.65 20.41
N LYS A 57 -3.98 11.24 21.04
CA LYS A 57 -4.60 12.04 22.09
C LYS A 57 -5.25 11.15 23.15
N GLY A 1 -3.02 4.84 -10.89
CA GLY A 1 -2.40 3.58 -11.22
C GLY A 1 -1.73 3.60 -12.58
N SER A 2 -2.54 3.46 -13.63
CA SER A 2 -2.01 3.45 -14.99
C SER A 2 -1.02 2.31 -15.20
N ASN A 3 -1.39 1.13 -14.71
CA ASN A 3 -0.53 -0.05 -14.83
C ASN A 3 0.87 0.23 -14.27
N PRO A 4 0.95 0.42 -12.95
CA PRO A 4 2.22 0.70 -12.26
C PRO A 4 3.15 -0.51 -12.26
N ASP A 5 4.22 -0.42 -11.46
CA ASP A 5 5.18 -1.51 -11.36
C ASP A 5 5.27 -2.03 -9.93
N PRO A 6 5.81 -3.24 -9.76
CA PRO A 6 5.97 -3.88 -8.45
C PRO A 6 7.03 -3.19 -7.61
N GLN A 7 7.75 -2.25 -8.21
CA GLN A 7 8.79 -1.52 -7.50
C GLN A 7 8.24 -0.23 -6.89
N GLU A 8 7.26 0.36 -7.56
CA GLU A 8 6.65 1.59 -7.08
C GLU A 8 5.47 1.30 -6.17
N VAL A 9 4.86 0.13 -6.34
CA VAL A 9 3.72 -0.28 -5.53
C VAL A 9 4.18 -0.89 -4.21
N GLN A 10 5.16 -1.78 -4.28
CA GLN A 10 5.69 -2.43 -3.09
C GLN A 10 6.15 -1.40 -2.06
N ARG A 11 6.67 -0.29 -2.55
CA ARG A 11 7.16 0.78 -1.68
C ARG A 11 5.99 1.53 -1.04
N ALA A 12 4.81 1.41 -1.64
CA ALA A 12 3.63 2.08 -1.14
C ALA A 12 2.92 1.22 -0.08
N LEU A 13 3.18 -0.08 -0.11
CA LEU A 13 2.58 -1.01 0.84
C LEU A 13 2.80 -0.53 2.27
N ALA A 14 4.03 -0.13 2.57
CA ALA A 14 4.36 0.35 3.91
C ALA A 14 3.81 1.76 4.15
N ARG A 15 3.44 2.43 3.06
CA ARG A 15 2.89 3.78 3.16
C ARG A 15 1.41 3.73 3.54
N ILE A 16 0.86 2.53 3.63
CA ILE A 16 -0.55 2.36 3.99
C ILE A 16 -0.79 2.75 5.44
N LEU A 17 0.29 2.90 6.20
CA LEU A 17 0.19 3.28 7.61
C LEU A 17 0.23 4.79 7.77
N CYS A 18 0.99 5.46 6.90
CA CYS A 18 1.11 6.91 6.94
C CYS A 18 0.06 7.57 6.07
N ALA A 19 -0.11 7.06 4.85
CA ALA A 19 -1.09 7.60 3.92
C ALA A 19 -2.43 7.82 4.60
N LEU A 20 -3.20 6.75 4.73
CA LEU A 20 -4.51 6.82 5.38
C LEU A 20 -5.40 7.84 4.67
N GLY A 21 -5.69 7.58 3.40
CA GLY A 21 -6.54 8.49 2.63
C GLY A 21 -6.08 8.62 1.18
N GLU A 22 -4.83 8.26 0.93
CA GLU A 22 -4.26 8.35 -0.42
C GLU A 22 -3.91 6.96 -0.95
N LEU A 23 -3.54 6.06 -0.03
CA LEU A 23 -3.17 4.70 -0.41
C LEU A 23 -4.40 3.91 -0.85
N ASP A 24 -5.57 4.36 -0.45
CA ASP A 24 -6.82 3.70 -0.80
C ASP A 24 -7.00 3.67 -2.32
N LYS A 25 -6.27 4.53 -3.01
CA LYS A 25 -6.34 4.60 -4.47
C LYS A 25 -5.41 3.58 -5.11
N LEU A 26 -4.66 2.87 -4.29
CA LEU A 26 -3.73 1.85 -4.78
C LEU A 26 -4.01 0.50 -4.12
N VAL A 27 -4.04 0.49 -2.80
CA VAL A 27 -4.29 -0.73 -2.05
C VAL A 27 -5.59 -1.39 -2.50
N LYS A 28 -6.50 -0.60 -3.04
CA LYS A 28 -7.79 -1.10 -3.52
C LYS A 28 -7.81 -1.18 -5.04
N ASP A 29 -7.11 -0.25 -5.69
CA ASP A 29 -7.05 -0.23 -7.15
C ASP A 29 -6.01 -1.21 -7.66
N GLN A 30 -5.39 -1.95 -6.75
CA GLN A 30 -4.37 -2.92 -7.12
C GLN A 30 -4.73 -4.32 -6.59
N ALA A 31 -4.74 -4.45 -5.28
CA ALA A 31 -5.08 -5.73 -4.65
C ALA A 31 -6.54 -6.09 -4.87
N ASN A 32 -7.37 -5.07 -5.02
CA ASN A 32 -8.80 -5.28 -5.24
C ASN A 32 -9.19 -4.96 -6.68
N ALA A 33 -8.18 -4.74 -7.52
CA ALA A 33 -8.41 -4.43 -8.93
C ALA A 33 -7.52 -5.28 -9.83
N GLY A 34 -6.79 -6.21 -9.23
CA GLY A 34 -5.91 -7.07 -9.99
C GLY A 34 -4.44 -6.83 -9.69
N GLN A 35 -3.93 -7.51 -8.66
CA GLN A 35 -2.54 -7.36 -8.27
C GLN A 35 -1.62 -8.05 -9.27
N GLN A 36 -1.41 -7.41 -10.41
CA GLN A 36 -0.55 -7.96 -11.46
C GLN A 36 0.87 -7.44 -11.32
N GLU A 37 1.03 -6.35 -10.57
CA GLU A 37 2.35 -5.75 -10.36
C GLU A 37 3.20 -6.61 -9.42
N PHE A 38 2.94 -6.48 -8.13
CA PHE A 38 3.68 -7.25 -7.12
C PHE A 38 3.14 -8.68 -7.02
N LYS A 39 3.72 -9.45 -6.11
CA LYS A 39 3.30 -10.83 -5.91
C LYS A 39 3.56 -11.27 -4.47
N LEU A 40 3.40 -10.35 -3.54
CA LEU A 40 3.62 -10.65 -2.12
C LEU A 40 2.52 -10.03 -1.27
N PRO A 41 2.35 -10.57 -0.05
CA PRO A 41 1.34 -10.09 0.90
C PRO A 41 1.67 -8.71 1.44
N LYS A 42 0.92 -8.30 2.47
CA LYS A 42 1.14 -7.00 3.09
C LYS A 42 2.13 -7.10 4.25
N ASP A 43 2.86 -8.20 4.29
CA ASP A 43 3.84 -8.42 5.35
C ASP A 43 4.88 -7.30 5.36
N PHE A 44 5.04 -6.63 4.23
CA PHE A 44 6.00 -5.55 4.11
C PHE A 44 5.48 -4.28 4.79
N THR A 45 4.23 -4.33 5.25
CA THR A 45 3.62 -3.19 5.92
C THR A 45 3.74 -3.30 7.43
N GLY A 46 4.69 -4.12 7.88
CA GLY A 46 4.89 -4.30 9.31
C GLY A 46 6.35 -4.27 9.69
N ARG A 47 7.15 -3.54 8.92
CA ARG A 47 8.58 -3.42 9.19
C ARG A 47 8.96 -1.97 9.49
N SER A 48 8.18 -1.04 8.96
CA SER A 48 8.45 0.38 9.18
C SER A 48 8.16 0.77 10.62
N LYS A 49 8.18 2.08 10.90
CA LYS A 49 7.92 2.58 12.24
C LYS A 49 6.68 3.47 12.26
N CYS A 50 6.00 3.56 11.13
CA CYS A 50 4.80 4.37 11.00
C CYS A 50 3.64 3.74 11.77
N ARG A 51 3.62 3.95 13.08
CA ARG A 51 2.56 3.41 13.92
C ARG A 51 1.19 3.81 13.40
N SER A 52 0.14 3.24 14.01
CA SER A 52 -1.23 3.55 13.60
C SER A 52 -1.62 4.96 14.02
N LEU A 53 -1.24 5.93 13.20
CA LEU A 53 -1.56 7.34 13.49
C LEU A 53 -2.86 7.74 12.82
N GLY A 54 -3.88 6.88 12.93
CA GLY A 54 -5.16 7.16 12.33
C GLY A 54 -6.17 7.68 13.35
N ARG A 55 -5.83 7.57 14.62
CA ARG A 55 -6.71 8.02 15.69
C ARG A 55 -6.79 9.54 15.72
N ILE A 56 -7.68 10.09 14.89
CA ILE A 56 -7.86 11.53 14.81
C ILE A 56 -9.34 11.90 14.68
N LYS A 57 -9.93 12.36 15.77
CA LYS A 57 -11.34 12.75 15.77
C LYS A 57 -11.59 13.87 14.78
N GLY A 1 -2.41 1.32 -19.75
CA GLY A 1 -3.14 2.02 -18.70
C GLY A 1 -2.43 1.96 -17.37
N SER A 2 -2.97 1.17 -16.45
CA SER A 2 -2.39 1.03 -15.12
C SER A 2 -1.57 -0.25 -15.02
N ASN A 3 -0.26 -0.15 -15.25
CA ASN A 3 0.62 -1.29 -15.18
C ASN A 3 1.97 -0.91 -14.59
N PRO A 4 1.97 -0.60 -13.28
CA PRO A 4 3.19 -0.21 -12.56
C PRO A 4 4.16 -1.37 -12.39
N ASP A 5 5.19 -1.17 -11.57
CA ASP A 5 6.18 -2.20 -11.32
C ASP A 5 6.20 -2.59 -9.85
N PRO A 6 6.77 -3.78 -9.56
CA PRO A 6 6.86 -4.29 -8.19
C PRO A 6 7.84 -3.48 -7.33
N GLN A 7 8.54 -2.55 -7.96
CA GLN A 7 9.50 -1.71 -7.25
C GLN A 7 8.85 -0.43 -6.75
N GLU A 8 7.87 0.06 -7.50
CA GLU A 8 7.18 1.29 -7.14
C GLU A 8 5.95 0.98 -6.29
N VAL A 9 5.23 -0.08 -6.65
CA VAL A 9 4.03 -0.49 -5.92
C VAL A 9 4.39 -1.02 -4.54
N GLN A 10 5.36 -1.91 -4.48
CA GLN A 10 5.80 -2.50 -3.22
C GLN A 10 6.11 -1.41 -2.20
N ARG A 11 6.97 -0.46 -2.59
CA ARG A 11 7.35 0.63 -1.71
C ARG A 11 6.20 1.62 -1.53
N ALA A 12 5.17 1.46 -2.35
CA ALA A 12 4.00 2.33 -2.28
C ALA A 12 2.99 1.81 -1.26
N LEU A 13 2.78 0.51 -1.25
CA LEU A 13 1.84 -0.11 -0.32
C LEU A 13 2.18 0.25 1.12
N ALA A 14 3.47 0.42 1.39
CA ALA A 14 3.92 0.78 2.73
C ALA A 14 3.68 2.25 3.02
N ARG A 15 3.45 3.03 1.98
CA ARG A 15 3.21 4.46 2.12
C ARG A 15 1.78 4.72 2.58
N ILE A 16 0.96 3.68 2.57
CA ILE A 16 -0.43 3.80 2.98
C ILE A 16 -0.54 4.37 4.39
N LEU A 17 0.52 4.21 5.16
CA LEU A 17 0.55 4.72 6.54
C LEU A 17 0.90 6.21 6.56
N CYS A 18 1.63 6.65 5.55
CA CYS A 18 2.04 8.05 5.45
C CYS A 18 1.02 8.86 4.66
N ALA A 19 0.76 8.44 3.43
CA ALA A 19 -0.19 9.13 2.57
C ALA A 19 -1.51 9.37 3.29
N LEU A 20 -2.22 8.29 3.60
CA LEU A 20 -3.50 8.38 4.29
C LEU A 20 -4.52 9.15 3.45
N GLY A 21 -5.16 8.45 2.52
CA GLY A 21 -6.15 9.07 1.67
C GLY A 21 -5.67 9.23 0.24
N GLU A 22 -4.43 8.82 -0.02
CA GLU A 22 -3.86 8.92 -1.35
C GLU A 22 -3.42 7.55 -1.86
N LEU A 23 -2.67 6.83 -1.03
CA LEU A 23 -2.18 5.51 -1.39
C LEU A 23 -3.34 4.53 -1.55
N ASP A 24 -4.46 4.84 -0.91
CA ASP A 24 -5.65 3.99 -0.99
C ASP A 24 -6.08 3.80 -2.44
N LYS A 25 -5.68 4.72 -3.30
CA LYS A 25 -6.03 4.66 -4.71
C LYS A 25 -5.23 3.57 -5.42
N LEU A 26 -4.22 3.05 -4.74
CA LEU A 26 -3.38 1.99 -5.31
C LEU A 26 -3.70 0.64 -4.67
N VAL A 27 -3.54 0.56 -3.35
CA VAL A 27 -3.82 -0.67 -2.63
C VAL A 27 -5.19 -1.23 -3.00
N LYS A 28 -6.11 -0.34 -3.34
CA LYS A 28 -7.47 -0.75 -3.70
C LYS A 28 -7.55 -1.03 -5.20
N ASP A 29 -6.78 -0.30 -5.99
CA ASP A 29 -6.78 -0.48 -7.44
C ASP A 29 -5.72 -1.50 -7.85
N GLN A 30 -5.22 -2.27 -6.87
CA GLN A 30 -4.20 -3.27 -7.14
C GLN A 30 -4.57 -4.59 -6.46
N ALA A 31 -4.71 -4.55 -5.14
CA ALA A 31 -5.05 -5.74 -4.38
C ALA A 31 -6.39 -6.33 -4.84
N ASN A 32 -7.22 -5.48 -5.44
CA ASN A 32 -8.52 -5.92 -5.92
C ASN A 32 -8.62 -5.75 -7.44
N ALA A 33 -7.50 -5.43 -8.07
CA ALA A 33 -7.46 -5.25 -9.51
C ALA A 33 -6.58 -6.29 -10.18
N GLY A 34 -5.67 -6.87 -9.39
CA GLY A 34 -4.77 -7.87 -9.92
C GLY A 34 -3.32 -7.61 -9.58
N GLN A 35 -2.89 -8.09 -8.42
CA GLN A 35 -1.52 -7.88 -7.97
C GLN A 35 -0.55 -8.76 -8.77
N GLN A 36 -0.26 -8.35 -10.01
CA GLN A 36 0.64 -9.11 -10.87
C GLN A 36 2.07 -8.55 -10.77
N GLU A 37 2.20 -7.38 -10.18
CA GLU A 37 3.50 -6.74 -10.02
C GLU A 37 4.25 -7.32 -8.83
N PHE A 38 3.87 -6.89 -7.63
CA PHE A 38 4.50 -7.36 -6.40
C PHE A 38 3.69 -8.48 -5.77
N LYS A 39 4.22 -9.06 -4.69
CA LYS A 39 3.55 -10.13 -3.99
C LYS A 39 3.79 -10.04 -2.49
N LEU A 40 2.93 -9.31 -1.79
CA LEU A 40 3.06 -9.13 -0.35
C LEU A 40 1.69 -9.00 0.30
N PRO A 41 1.61 -9.32 1.61
CA PRO A 41 0.37 -9.23 2.37
C PRO A 41 -0.08 -7.79 2.60
N LYS A 42 -1.33 -7.62 3.02
CA LYS A 42 -1.88 -6.29 3.27
C LYS A 42 -1.66 -5.88 4.72
N ASP A 43 -0.81 -6.63 5.42
CA ASP A 43 -0.51 -6.33 6.82
C ASP A 43 0.95 -5.91 6.98
N PHE A 44 1.79 -6.35 6.06
CA PHE A 44 3.22 -6.03 6.10
C PHE A 44 3.42 -4.51 6.09
N THR A 45 2.42 -3.78 5.61
CA THR A 45 2.49 -2.33 5.55
C THR A 45 1.93 -1.70 6.82
N GLY A 46 2.34 -2.23 7.96
CA GLY A 46 1.87 -1.71 9.23
C GLY A 46 2.97 -1.02 10.02
N ARG A 47 4.17 -0.98 9.44
CA ARG A 47 5.31 -0.34 10.09
C ARG A 47 5.75 0.90 9.33
N SER A 48 5.69 2.05 9.99
CA SER A 48 6.08 3.32 9.37
C SER A 48 6.58 4.31 10.42
N LYS A 49 6.83 5.54 9.99
CA LYS A 49 7.31 6.58 10.89
C LYS A 49 6.45 7.84 10.77
N CYS A 50 5.37 7.74 10.00
CA CYS A 50 4.46 8.87 9.81
C CYS A 50 3.25 8.76 10.73
N ARG A 51 2.20 9.49 10.40
CA ARG A 51 0.97 9.47 11.20
C ARG A 51 0.31 8.11 11.14
N SER A 52 -0.59 7.84 12.09
CA SER A 52 -1.30 6.57 12.14
C SER A 52 -0.32 5.41 12.16
N LEU A 53 0.33 5.19 13.30
CA LEU A 53 1.29 4.11 13.46
C LEU A 53 0.59 2.77 13.65
N GLY A 54 -0.24 2.69 14.69
CA GLY A 54 -0.96 1.47 14.96
C GLY A 54 -2.06 1.66 15.99
N ARG A 55 -1.79 2.49 16.98
CA ARG A 55 -2.78 2.77 18.04
C ARG A 55 -3.67 3.94 17.66
N ILE A 56 -4.62 3.69 16.76
CA ILE A 56 -5.55 4.72 16.31
C ILE A 56 -6.94 4.48 16.86
N LYS A 57 -7.02 3.90 18.05
CA LYS A 57 -8.30 3.62 18.69
C LYS A 57 -8.18 3.69 20.21
N GLY A 1 -4.82 3.73 -20.61
CA GLY A 1 -4.49 2.75 -19.59
C GLY A 1 -3.07 2.93 -19.05
N SER A 2 -2.92 2.76 -17.74
CA SER A 2 -1.62 2.92 -17.11
C SER A 2 -1.68 2.50 -15.64
N ASN A 3 -0.55 2.04 -15.11
CA ASN A 3 -0.46 1.61 -13.73
C ASN A 3 0.88 1.97 -13.11
N PRO A 4 0.94 2.01 -11.77
CA PRO A 4 2.16 2.34 -11.04
C PRO A 4 3.21 1.25 -11.15
N ASP A 5 4.25 1.35 -10.32
CA ASP A 5 5.33 0.37 -10.32
C ASP A 5 5.49 -0.27 -8.95
N PRO A 6 6.17 -1.42 -8.90
CA PRO A 6 6.41 -2.15 -7.65
C PRO A 6 7.39 -1.43 -6.74
N GLN A 7 7.93 -0.31 -7.22
CA GLN A 7 8.88 0.47 -6.45
C GLN A 7 8.17 1.45 -5.51
N GLU A 8 7.12 2.08 -6.04
CA GLU A 8 6.34 3.03 -5.25
C GLU A 8 5.18 2.34 -4.54
N VAL A 9 4.58 1.36 -5.22
CA VAL A 9 3.45 0.63 -4.65
C VAL A 9 3.89 -0.20 -3.46
N GLN A 10 4.94 -1.00 -3.64
CA GLN A 10 5.46 -1.84 -2.58
C GLN A 10 5.70 -1.03 -1.30
N ARG A 11 6.43 0.07 -1.44
CA ARG A 11 6.73 0.93 -0.30
C ARG A 11 5.45 1.49 0.31
N ALA A 12 4.38 1.47 -0.46
CA ALA A 12 3.08 1.97 0.01
C ALA A 12 2.36 0.91 0.83
N LEU A 13 2.58 -0.35 0.51
CA LEU A 13 1.95 -1.46 1.22
C LEU A 13 2.23 -1.37 2.72
N ALA A 14 3.34 -0.75 3.07
CA ALA A 14 3.73 -0.59 4.47
C ALA A 14 3.10 0.66 5.07
N ARG A 15 2.72 1.61 4.22
CA ARG A 15 2.11 2.85 4.68
C ARG A 15 0.68 2.62 5.12
N ILE A 16 0.17 1.41 4.89
CA ILE A 16 -1.19 1.06 5.26
C ILE A 16 -1.39 1.20 6.76
N LEU A 17 -0.29 1.21 7.51
CA LEU A 17 -0.35 1.35 8.96
C LEU A 17 -0.25 2.82 9.37
N CYS A 18 0.39 3.63 8.53
CA CYS A 18 0.55 5.05 8.80
C CYS A 18 -0.62 5.85 8.22
N ALA A 19 -0.76 5.81 6.91
CA ALA A 19 -1.83 6.53 6.23
C ALA A 19 -3.19 6.22 6.87
N LEU A 20 -3.50 4.94 7.01
CA LEU A 20 -4.76 4.52 7.60
C LEU A 20 -5.94 5.21 6.93
N GLY A 21 -6.46 4.59 5.87
CA GLY A 21 -7.59 5.15 5.15
C GLY A 21 -7.20 5.68 3.79
N GLU A 22 -5.97 6.19 3.68
CA GLU A 22 -5.48 6.73 2.42
C GLU A 22 -4.87 5.63 1.55
N LEU A 23 -4.04 4.80 2.17
CA LEU A 23 -3.39 3.70 1.45
C LEU A 23 -4.41 2.67 0.99
N ASP A 24 -5.60 2.69 1.61
CA ASP A 24 -6.65 1.76 1.25
C ASP A 24 -7.09 1.95 -0.20
N LYS A 25 -6.73 3.11 -0.76
CA LYS A 25 -7.08 3.42 -2.14
C LYS A 25 -6.09 2.78 -3.12
N LEU A 26 -5.04 2.17 -2.57
CA LEU A 26 -4.04 1.51 -3.39
C LEU A 26 -4.02 0.01 -3.13
N VAL A 27 -4.04 -0.37 -1.86
CA VAL A 27 -4.03 -1.77 -1.47
C VAL A 27 -5.16 -2.54 -2.15
N LYS A 28 -6.19 -1.82 -2.56
CA LYS A 28 -7.33 -2.43 -3.22
C LYS A 28 -7.33 -2.12 -4.72
N ASP A 29 -7.16 -0.85 -5.06
CA ASP A 29 -7.13 -0.42 -6.45
C ASP A 29 -5.99 -1.10 -7.20
N GLN A 30 -5.00 -1.58 -6.45
CA GLN A 30 -3.85 -2.25 -7.05
C GLN A 30 -3.99 -3.76 -6.95
N ALA A 31 -4.08 -4.27 -5.73
CA ALA A 31 -4.23 -5.70 -5.50
C ALA A 31 -5.40 -6.27 -6.28
N ASN A 32 -6.38 -5.43 -6.56
CA ASN A 32 -7.56 -5.84 -7.31
C ASN A 32 -7.49 -5.35 -8.76
N ALA A 33 -7.00 -4.13 -8.94
CA ALA A 33 -6.88 -3.55 -10.27
C ALA A 33 -5.43 -3.16 -10.57
N GLY A 34 -4.56 -4.16 -10.63
CA GLY A 34 -3.16 -3.90 -10.90
C GLY A 34 -2.23 -4.81 -10.11
N GLN A 35 -2.06 -6.05 -10.57
CA GLN A 35 -1.20 -7.00 -9.89
C GLN A 35 0.04 -7.29 -10.72
N GLN A 36 0.24 -6.51 -11.77
CA GLN A 36 1.41 -6.69 -12.65
C GLN A 36 2.64 -6.04 -12.05
N GLU A 37 2.44 -5.21 -11.03
CA GLU A 37 3.54 -4.52 -10.37
C GLU A 37 4.16 -5.40 -9.29
N PHE A 38 3.44 -5.58 -8.19
CA PHE A 38 3.92 -6.40 -7.09
C PHE A 38 3.07 -7.66 -6.93
N LYS A 39 3.68 -8.72 -6.40
CA LYS A 39 2.99 -9.99 -6.21
C LYS A 39 3.44 -10.66 -4.93
N LEU A 40 3.16 -10.02 -3.80
CA LEU A 40 3.55 -10.55 -2.50
C LEU A 40 2.43 -10.35 -1.47
N PRO A 41 2.46 -11.15 -0.39
CA PRO A 41 1.46 -11.07 0.67
C PRO A 41 1.60 -9.80 1.51
N LYS A 42 0.88 -9.75 2.62
CA LYS A 42 0.93 -8.59 3.50
C LYS A 42 2.01 -8.75 4.56
N ASP A 43 2.87 -9.74 4.36
CA ASP A 43 3.96 -10.01 5.30
C ASP A 43 5.00 -8.90 5.27
N PHE A 44 5.04 -8.17 4.15
CA PHE A 44 5.99 -7.09 3.98
C PHE A 44 5.51 -5.82 4.67
N THR A 45 4.26 -5.86 5.14
CA THR A 45 3.67 -4.72 5.82
C THR A 45 3.82 -4.83 7.33
N GLY A 46 4.90 -5.46 7.76
CA GLY A 46 5.16 -5.64 9.18
C GLY A 46 6.46 -5.00 9.63
N ARG A 47 7.27 -4.59 8.67
CA ARG A 47 8.55 -3.97 8.97
C ARG A 47 8.44 -2.45 8.94
N SER A 48 7.23 -1.95 9.19
CA SER A 48 6.99 -0.52 9.19
C SER A 48 7.57 0.14 10.44
N LYS A 49 7.57 1.47 10.46
CA LYS A 49 8.11 2.22 11.59
C LYS A 49 7.08 3.22 12.12
N CYS A 50 5.90 3.22 11.51
CA CYS A 50 4.83 4.12 11.92
C CYS A 50 3.64 3.35 12.46
N ARG A 51 3.60 3.18 13.78
CA ARG A 51 2.52 2.46 14.44
C ARG A 51 1.16 3.00 14.01
N SER A 52 0.11 2.26 14.29
CA SER A 52 -1.25 2.66 13.93
C SER A 52 -1.73 3.80 14.82
N LEU A 53 -1.32 5.02 14.49
CA LEU A 53 -1.71 6.19 15.26
C LEU A 53 -3.20 6.49 15.08
N GLY A 54 -3.58 6.89 13.88
CA GLY A 54 -4.97 7.19 13.60
C GLY A 54 -5.18 8.62 13.13
N ARG A 55 -4.80 8.90 11.89
CA ARG A 55 -4.94 10.24 11.33
C ARG A 55 -5.65 10.19 9.98
N ILE A 56 -6.92 10.56 9.97
CA ILE A 56 -7.71 10.56 8.75
C ILE A 56 -7.77 11.95 8.14
N LYS A 57 -6.76 12.77 8.43
CA LYS A 57 -6.70 14.12 7.90
C LYS A 57 -5.26 14.59 7.80
N GLY A 1 -1.10 5.53 -11.16
CA GLY A 1 -2.55 5.49 -11.25
C GLY A 1 -3.04 4.40 -12.17
N SER A 2 -2.43 4.28 -13.34
CA SER A 2 -2.83 3.26 -14.30
C SER A 2 -1.66 2.31 -14.60
N ASN A 3 -1.79 1.07 -14.16
CA ASN A 3 -0.75 0.07 -14.37
C ASN A 3 0.60 0.58 -13.88
N PRO A 4 0.73 0.72 -12.55
CA PRO A 4 1.96 1.20 -11.93
C PRO A 4 3.09 0.18 -12.02
N ASP A 5 4.17 0.43 -11.29
CA ASP A 5 5.33 -0.47 -11.30
C ASP A 5 5.48 -1.16 -9.94
N PRO A 6 6.24 -2.26 -9.93
CA PRO A 6 6.48 -3.04 -8.70
C PRO A 6 7.36 -2.29 -7.71
N GLN A 7 7.88 -1.14 -8.14
CA GLN A 7 8.75 -0.34 -7.28
C GLN A 7 7.96 0.77 -6.59
N GLU A 8 6.92 1.26 -7.27
CA GLU A 8 6.08 2.32 -6.72
C GLU A 8 4.91 1.74 -5.94
N VAL A 9 4.51 0.51 -6.30
CA VAL A 9 3.40 -0.14 -5.64
C VAL A 9 3.87 -0.85 -4.36
N GLN A 10 4.93 -1.64 -4.48
CA GLN A 10 5.47 -2.37 -3.33
C GLN A 10 5.72 -1.42 -2.16
N ARG A 11 6.09 -0.18 -2.47
CA ARG A 11 6.36 0.81 -1.44
C ARG A 11 5.06 1.41 -0.91
N ALA A 12 4.03 1.41 -1.75
CA ALA A 12 2.73 1.96 -1.35
C ALA A 12 2.02 1.03 -0.37
N LEU A 13 2.24 -0.27 -0.53
CA LEU A 13 1.62 -1.27 0.34
C LEU A 13 1.85 -0.93 1.80
N ALA A 14 3.11 -0.67 2.15
CA ALA A 14 3.47 -0.33 3.52
C ALA A 14 3.06 1.11 3.85
N ARG A 15 2.74 1.87 2.82
CA ARG A 15 2.34 3.27 3.00
C ARG A 15 0.86 3.37 3.36
N ILE A 16 0.16 2.25 3.24
CA ILE A 16 -1.27 2.21 3.54
C ILE A 16 -1.54 2.69 4.96
N LEU A 17 -0.53 2.57 5.82
CA LEU A 17 -0.67 2.99 7.21
C LEU A 17 -0.46 4.50 7.33
N CYS A 18 0.29 5.07 6.41
CA CYS A 18 0.56 6.50 6.41
C CYS A 18 -0.50 7.26 5.61
N ALA A 19 -0.66 6.88 4.35
CA ALA A 19 -1.65 7.52 3.48
C ALA A 19 -3.02 7.57 4.14
N LEU A 20 -3.64 6.40 4.29
CA LEU A 20 -4.96 6.30 4.91
C LEU A 20 -6.00 7.05 4.08
N GLY A 21 -6.57 6.36 3.11
CA GLY A 21 -7.58 6.97 2.26
C GLY A 21 -7.11 7.14 0.83
N GLU A 22 -5.80 7.26 0.64
CA GLU A 22 -5.22 7.43 -0.68
C GLU A 22 -4.68 6.11 -1.22
N LEU A 23 -4.01 5.36 -0.35
CA LEU A 23 -3.44 4.08 -0.72
C LEU A 23 -4.53 3.06 -1.04
N ASP A 24 -5.72 3.29 -0.49
CA ASP A 24 -6.85 2.40 -0.71
C ASP A 24 -7.17 2.28 -2.20
N LYS A 25 -6.73 3.27 -2.97
CA LYS A 25 -6.98 3.29 -4.41
C LYS A 25 -5.95 2.44 -5.14
N LEU A 26 -5.05 1.82 -4.38
CA LEU A 26 -4.01 0.98 -4.96
C LEU A 26 -4.07 -0.43 -4.39
N VAL A 27 -3.97 -0.53 -3.06
CA VAL A 27 -4.02 -1.81 -2.38
C VAL A 27 -5.33 -2.55 -2.69
N LYS A 28 -6.34 -1.79 -3.11
CA LYS A 28 -7.63 -2.37 -3.43
C LYS A 28 -7.69 -2.80 -4.90
N ASP A 29 -7.48 -1.84 -5.79
CA ASP A 29 -7.49 -2.12 -7.23
C ASP A 29 -6.42 -3.15 -7.60
N GLN A 30 -5.19 -2.86 -7.22
CA GLN A 30 -4.07 -3.77 -7.52
C GLN A 30 -4.37 -5.17 -7.03
N ALA A 31 -4.77 -5.28 -5.76
CA ALA A 31 -5.09 -6.58 -5.17
C ALA A 31 -6.35 -7.17 -5.80
N ASN A 32 -7.07 -6.36 -6.57
CA ASN A 32 -8.28 -6.81 -7.22
C ASN A 32 -8.05 -7.04 -8.71
N ALA A 33 -6.83 -6.75 -9.16
CA ALA A 33 -6.47 -6.92 -10.57
C ALA A 33 -5.57 -8.15 -10.75
N GLY A 34 -4.78 -8.45 -9.72
CA GLY A 34 -3.88 -9.59 -9.80
C GLY A 34 -2.49 -9.25 -9.30
N GLN A 35 -2.26 -8.00 -8.94
CA GLN A 35 -0.97 -7.55 -8.45
C GLN A 35 0.16 -8.09 -9.32
N GLN A 36 -0.06 -8.08 -10.63
CA GLN A 36 0.94 -8.57 -11.57
C GLN A 36 2.21 -7.73 -11.51
N GLU A 37 2.09 -6.53 -10.94
CA GLU A 37 3.23 -5.62 -10.82
C GLU A 37 4.28 -6.22 -9.88
N PHE A 38 4.05 -6.07 -8.58
CA PHE A 38 4.98 -6.58 -7.57
C PHE A 38 4.70 -8.05 -7.28
N LYS A 39 5.66 -8.71 -6.63
CA LYS A 39 5.52 -10.12 -6.28
C LYS A 39 5.61 -10.31 -4.77
N LEU A 40 5.99 -9.25 -4.06
CA LEU A 40 6.11 -9.31 -2.60
C LEU A 40 4.74 -9.50 -1.96
N PRO A 41 4.75 -10.14 -0.77
CA PRO A 41 3.52 -10.40 -0.02
C PRO A 41 2.90 -9.12 0.56
N LYS A 42 1.62 -9.17 0.87
CA LYS A 42 0.92 -8.02 1.43
C LYS A 42 0.98 -8.03 2.95
N ASP A 43 1.14 -9.22 3.52
CA ASP A 43 1.22 -9.38 4.98
C ASP A 43 2.45 -8.66 5.53
N PHE A 44 3.57 -8.79 4.84
CA PHE A 44 4.81 -8.16 5.26
C PHE A 44 4.61 -6.67 5.53
N THR A 45 3.65 -6.08 4.81
CA THR A 45 3.35 -4.66 4.98
C THR A 45 2.20 -4.45 5.94
N GLY A 46 2.19 -5.23 7.03
CA GLY A 46 1.14 -5.11 8.02
C GLY A 46 1.58 -4.32 9.24
N ARG A 47 2.55 -3.44 9.05
CA ARG A 47 3.07 -2.63 10.14
C ARG A 47 3.99 -1.53 9.61
N SER A 48 4.16 -0.47 10.40
CA SER A 48 5.01 0.65 10.01
C SER A 48 5.09 1.68 11.13
N LYS A 49 6.01 2.63 10.97
CA LYS A 49 6.20 3.69 11.97
C LYS A 49 5.13 4.76 11.83
N CYS A 50 4.55 4.87 10.64
CA CYS A 50 3.52 5.86 10.38
C CYS A 50 2.14 5.34 10.79
N ARG A 51 1.83 5.47 12.08
CA ARG A 51 0.55 5.01 12.60
C ARG A 51 -0.26 6.17 13.17
N SER A 52 -0.81 7.00 12.29
CA SER A 52 -1.59 8.16 12.70
C SER A 52 -0.82 9.00 13.71
N LEU A 53 0.38 9.40 13.35
CA LEU A 53 1.23 10.21 14.22
C LEU A 53 0.53 11.54 14.57
N GLY A 54 -0.25 12.05 13.64
CA GLY A 54 -0.95 13.30 13.85
C GLY A 54 -1.96 13.20 14.99
N ARG A 55 -2.41 11.98 15.27
CA ARG A 55 -3.38 11.75 16.34
C ARG A 55 -2.68 11.66 17.70
N ILE A 56 -2.46 12.81 18.32
CA ILE A 56 -1.80 12.86 19.62
C ILE A 56 -2.71 13.48 20.68
N LYS A 57 -3.37 12.62 21.45
CA LYS A 57 -4.28 13.08 22.50
C LYS A 57 -3.64 12.93 23.88
N GLY A 1 -2.38 -2.82 -21.47
CA GLY A 1 -0.98 -2.72 -21.11
C GLY A 1 -0.66 -1.44 -20.36
N SER A 2 0.60 -1.02 -20.43
CA SER A 2 1.04 0.19 -19.75
C SER A 2 0.76 0.10 -18.25
N ASN A 3 1.04 -1.07 -17.67
CA ASN A 3 0.82 -1.29 -16.25
C ASN A 3 2.04 -0.84 -15.44
N PRO A 4 1.82 -0.61 -14.14
CA PRO A 4 2.89 -0.18 -13.23
C PRO A 4 3.91 -1.27 -12.96
N ASP A 5 4.78 -1.05 -11.98
CA ASP A 5 5.80 -2.02 -11.64
C ASP A 5 5.83 -2.27 -10.13
N PRO A 6 6.45 -3.38 -9.72
CA PRO A 6 6.56 -3.76 -8.32
C PRO A 6 7.50 -2.84 -7.54
N GLN A 7 8.16 -1.93 -8.26
CA GLN A 7 9.08 -0.99 -7.63
C GLN A 7 8.36 0.26 -7.17
N GLU A 8 7.39 0.70 -7.96
CA GLU A 8 6.62 1.90 -7.63
C GLU A 8 5.39 1.55 -6.82
N VAL A 9 4.75 0.44 -7.16
CA VAL A 9 3.55 -0.02 -6.45
C VAL A 9 3.88 -0.44 -5.03
N GLN A 10 4.89 -1.29 -4.87
CA GLN A 10 5.31 -1.76 -3.56
C GLN A 10 5.53 -0.60 -2.61
N ARG A 11 6.32 0.38 -3.06
CA ARG A 11 6.62 1.56 -2.24
C ARG A 11 5.33 2.20 -1.74
N ALA A 12 4.25 2.04 -2.50
CA ALA A 12 2.96 2.61 -2.12
C ALA A 12 2.20 1.69 -1.18
N LEU A 13 2.44 0.39 -1.32
CA LEU A 13 1.78 -0.61 -0.49
C LEU A 13 1.95 -0.27 0.99
N ALA A 14 3.10 0.28 1.34
CA ALA A 14 3.37 0.66 2.72
C ALA A 14 2.87 2.07 3.02
N ARG A 15 2.68 2.85 1.97
CA ARG A 15 2.20 4.24 2.11
C ARG A 15 0.74 4.25 2.57
N ILE A 16 0.11 3.09 2.54
CA ILE A 16 -1.30 2.97 2.93
C ILE A 16 -1.50 3.50 4.35
N LEU A 17 -0.43 3.50 5.14
CA LEU A 17 -0.49 3.98 6.51
C LEU A 17 -0.30 5.50 6.58
N CYS A 18 0.37 6.05 5.57
CA CYS A 18 0.61 7.48 5.51
C CYS A 18 -0.49 8.19 4.73
N ALA A 19 -0.65 7.81 3.46
CA ALA A 19 -1.67 8.41 2.61
C ALA A 19 -3.03 8.41 3.30
N LEU A 20 -3.53 7.22 3.61
CA LEU A 20 -4.82 7.08 4.27
C LEU A 20 -5.95 7.60 3.38
N GLY A 21 -5.65 7.76 2.10
CA GLY A 21 -6.65 8.24 1.17
C GLY A 21 -6.17 8.18 -0.28
N GLU A 22 -4.92 8.56 -0.49
CA GLU A 22 -4.34 8.55 -1.83
C GLU A 22 -4.00 7.12 -2.27
N LEU A 23 -3.61 6.29 -1.31
CA LEU A 23 -3.27 4.90 -1.59
C LEU A 23 -4.51 4.07 -1.87
N ASP A 24 -5.67 4.60 -1.49
CA ASP A 24 -6.94 3.91 -1.69
C ASP A 24 -7.22 3.73 -3.19
N LYS A 25 -6.49 4.49 -4.01
CA LYS A 25 -6.67 4.43 -5.46
C LYS A 25 -5.83 3.31 -6.05
N LEU A 26 -4.76 2.94 -5.37
CA LEU A 26 -3.87 1.87 -5.82
C LEU A 26 -4.18 0.57 -5.12
N VAL A 27 -4.62 0.66 -3.88
CA VAL A 27 -4.96 -0.52 -3.09
C VAL A 27 -6.43 -0.90 -3.26
N LYS A 28 -7.00 -0.53 -4.40
CA LYS A 28 -8.40 -0.84 -4.69
C LYS A 28 -8.59 -1.14 -6.17
N ASP A 29 -8.05 -0.28 -7.02
CA ASP A 29 -8.17 -0.46 -8.47
C ASP A 29 -7.08 -1.41 -8.98
N GLN A 30 -6.27 -1.93 -8.07
CA GLN A 30 -5.20 -2.85 -8.44
C GLN A 30 -5.32 -4.16 -7.67
N ALA A 31 -5.53 -4.07 -6.36
CA ALA A 31 -5.67 -5.25 -5.52
C ALA A 31 -6.82 -6.13 -5.99
N ASN A 32 -7.74 -5.53 -6.76
CA ASN A 32 -8.88 -6.27 -7.27
C ASN A 32 -8.81 -6.39 -8.79
N ALA A 33 -7.69 -5.98 -9.36
CA ALA A 33 -7.48 -6.06 -10.80
C ALA A 33 -6.32 -6.97 -11.15
N GLY A 34 -5.39 -7.12 -10.20
CA GLY A 34 -4.24 -7.98 -10.43
C GLY A 34 -2.95 -7.35 -9.95
N GLN A 35 -2.63 -7.54 -8.67
CA GLN A 35 -1.42 -6.97 -8.10
C GLN A 35 -0.28 -8.00 -8.12
N GLN A 36 -0.24 -8.80 -9.17
CA GLN A 36 0.80 -9.81 -9.32
C GLN A 36 2.18 -9.17 -9.41
N GLU A 37 2.20 -7.87 -9.69
CA GLU A 37 3.46 -7.14 -9.81
C GLU A 37 4.35 -7.40 -8.59
N PHE A 38 4.05 -6.73 -7.48
CA PHE A 38 4.81 -6.89 -6.26
C PHE A 38 4.24 -8.01 -5.39
N LYS A 39 4.90 -8.28 -4.27
CA LYS A 39 4.47 -9.32 -3.35
C LYS A 39 4.63 -8.88 -1.90
N LEU A 40 3.62 -8.17 -1.39
CA LEU A 40 3.65 -7.68 -0.02
C LEU A 40 2.28 -7.84 0.64
N PRO A 41 2.02 -9.05 1.16
CA PRO A 41 0.75 -9.35 1.83
C PRO A 41 0.61 -8.63 3.16
N LYS A 42 -0.38 -9.03 3.95
CA LYS A 42 -0.62 -8.43 5.26
C LYS A 42 0.40 -8.91 6.28
N ASP A 43 1.67 -8.58 6.05
CA ASP A 43 2.74 -8.99 6.94
C ASP A 43 3.70 -7.83 7.20
N PHE A 44 4.17 -7.21 6.13
CA PHE A 44 5.09 -6.09 6.23
C PHE A 44 4.34 -4.76 6.32
N THR A 45 3.01 -4.86 6.44
CA THR A 45 2.17 -3.67 6.55
C THR A 45 2.01 -3.24 8.01
N GLY A 46 2.78 -3.86 8.89
CA GLY A 46 2.70 -3.53 10.30
C GLY A 46 4.06 -3.31 10.93
N ARG A 47 5.03 -2.94 10.09
CA ARG A 47 6.39 -2.70 10.58
C ARG A 47 6.74 -1.22 10.50
N SER A 48 6.49 -0.62 9.33
CA SER A 48 6.78 0.79 9.12
C SER A 48 6.02 1.66 10.13
N LYS A 49 6.12 2.97 9.96
CA LYS A 49 5.43 3.91 10.84
C LYS A 49 5.59 5.35 10.34
N CYS A 50 4.47 6.00 10.08
CA CYS A 50 4.48 7.37 9.59
C CYS A 50 3.38 8.19 10.26
N ARG A 51 2.18 7.63 10.31
CA ARG A 51 1.04 8.31 10.92
C ARG A 51 -0.18 7.40 10.96
N SER A 52 -0.94 7.47 12.04
CA SER A 52 -2.13 6.65 12.21
C SER A 52 -1.81 5.18 11.95
N LEU A 53 -0.89 4.64 12.72
CA LEU A 53 -0.49 3.24 12.57
C LEU A 53 -1.36 2.33 13.45
N GLY A 54 -1.81 2.87 14.58
CA GLY A 54 -2.65 2.10 15.49
C GLY A 54 -3.75 2.93 16.10
N ARG A 55 -3.46 3.56 17.22
CA ARG A 55 -4.43 4.39 17.92
C ARG A 55 -4.00 5.85 17.94
N ILE A 56 -3.20 6.24 16.95
CA ILE A 56 -2.72 7.61 16.85
C ILE A 56 -2.00 8.03 18.13
N LYS A 57 -1.47 7.05 18.85
CA LYS A 57 -0.75 7.32 20.09
C LYS A 57 0.32 6.26 20.34
N GLY A 1 -2.67 3.21 -19.98
CA GLY A 1 -1.81 2.05 -19.90
C GLY A 1 -1.32 1.77 -18.49
N SER A 2 -2.18 1.17 -17.68
CA SER A 2 -1.84 0.86 -16.29
C SER A 2 -0.85 -0.29 -16.23
N ASN A 3 0.36 0.01 -15.78
CA ASN A 3 1.42 -1.00 -15.67
C ASN A 3 2.50 -0.55 -14.71
N PRO A 4 2.17 -0.53 -13.40
CA PRO A 4 3.12 -0.12 -12.36
C PRO A 4 4.24 -1.14 -12.16
N ASP A 5 4.94 -1.01 -11.04
CA ASP A 5 6.05 -1.91 -10.73
C ASP A 5 6.05 -2.27 -9.25
N PRO A 6 6.80 -3.33 -8.90
CA PRO A 6 6.90 -3.80 -7.51
C PRO A 6 7.69 -2.83 -6.64
N GLN A 7 8.27 -1.81 -7.26
CA GLN A 7 9.05 -0.82 -6.53
C GLN A 7 8.15 0.23 -5.88
N GLU A 8 7.14 0.67 -6.63
CA GLU A 8 6.19 1.66 -6.14
C GLU A 8 5.00 1.00 -5.46
N VAL A 9 4.55 -0.12 -6.03
CA VAL A 9 3.41 -0.85 -5.48
C VAL A 9 3.71 -1.36 -4.08
N GLN A 10 4.79 -2.14 -3.96
CA GLN A 10 5.19 -2.69 -2.67
C GLN A 10 5.28 -1.60 -1.61
N ARG A 11 6.00 -0.52 -1.94
CA ARG A 11 6.17 0.59 -1.02
C ARG A 11 4.82 1.19 -0.63
N ALA A 12 3.82 1.01 -1.50
CA ALA A 12 2.49 1.52 -1.26
C ALA A 12 1.66 0.53 -0.44
N LEU A 13 1.94 -0.75 -0.60
CA LEU A 13 1.22 -1.80 0.11
C LEU A 13 1.24 -1.53 1.62
N ALA A 14 2.37 -1.08 2.12
CA ALA A 14 2.52 -0.77 3.54
C ALA A 14 2.00 0.62 3.86
N ARG A 15 1.82 1.43 2.83
CA ARG A 15 1.33 2.80 3.00
C ARG A 15 -0.17 2.80 3.27
N ILE A 16 -0.78 1.63 3.18
CA ILE A 16 -2.22 1.50 3.42
C ILE A 16 -2.58 1.92 4.84
N LEU A 17 -1.60 1.90 5.73
CA LEU A 17 -1.81 2.27 7.12
C LEU A 17 -1.44 3.73 7.35
N CYS A 18 -0.62 4.28 6.45
CA CYS A 18 -0.18 5.66 6.56
C CYS A 18 -1.13 6.59 5.80
N ALA A 19 -1.78 6.05 4.77
CA ALA A 19 -2.71 6.84 3.97
C ALA A 19 -4.13 6.71 4.51
N LEU A 20 -4.56 5.49 4.77
CA LEU A 20 -5.89 5.24 5.29
C LEU A 20 -6.96 5.78 4.33
N GLY A 21 -6.58 5.99 3.08
CA GLY A 21 -7.51 6.49 2.09
C GLY A 21 -6.85 6.71 0.74
N GLU A 22 -5.64 7.26 0.76
CA GLU A 22 -4.91 7.52 -0.48
C GLU A 22 -4.39 6.23 -1.09
N LEU A 23 -4.22 5.20 -0.27
CA LEU A 23 -3.73 3.91 -0.74
C LEU A 23 -4.89 3.02 -1.16
N ASP A 24 -6.08 3.27 -0.61
CA ASP A 24 -7.26 2.50 -0.93
C ASP A 24 -7.58 2.59 -2.42
N LYS A 25 -7.04 3.61 -3.07
CA LYS A 25 -7.27 3.81 -4.50
C LYS A 25 -6.26 3.01 -5.32
N LEU A 26 -5.44 2.21 -4.64
CA LEU A 26 -4.44 1.39 -5.31
C LEU A 26 -4.62 -0.08 -4.96
N VAL A 27 -4.75 -0.37 -3.67
CA VAL A 27 -4.92 -1.73 -3.20
C VAL A 27 -6.01 -2.45 -4.00
N LYS A 28 -6.96 -1.69 -4.52
CA LYS A 28 -8.04 -2.25 -5.30
C LYS A 28 -7.88 -1.91 -6.79
N ASP A 29 -7.28 -0.75 -7.06
CA ASP A 29 -7.07 -0.31 -8.43
C ASP A 29 -5.70 -0.76 -8.94
N GLN A 30 -5.19 -1.84 -8.36
CA GLN A 30 -3.89 -2.37 -8.75
C GLN A 30 -3.91 -3.90 -8.76
N ALA A 31 -4.10 -4.50 -7.58
CA ALA A 31 -4.13 -5.94 -7.46
C ALA A 31 -5.19 -6.55 -8.39
N ASN A 32 -6.20 -5.75 -8.73
CA ASN A 32 -7.27 -6.21 -9.61
C ASN A 32 -7.07 -5.68 -11.02
N ALA A 33 -6.32 -4.58 -11.15
CA ALA A 33 -6.05 -3.99 -12.45
C ALA A 33 -4.57 -4.12 -12.82
N GLY A 34 -3.99 -5.26 -12.47
CA GLY A 34 -2.58 -5.50 -12.77
C GLY A 34 -1.80 -5.95 -11.56
N GLN A 35 -1.87 -7.26 -11.27
CA GLN A 35 -1.16 -7.81 -10.13
C GLN A 35 0.18 -8.43 -10.56
N GLN A 36 0.60 -8.09 -11.76
CA GLN A 36 1.87 -8.60 -12.30
C GLN A 36 3.05 -7.99 -11.56
N GLU A 37 2.80 -6.90 -10.84
CA GLU A 37 3.86 -6.22 -10.10
C GLU A 37 4.03 -6.84 -8.71
N PHE A 38 2.91 -6.96 -7.99
CA PHE A 38 2.94 -7.53 -6.65
C PHE A 38 3.78 -8.79 -6.61
N LYS A 39 4.87 -8.74 -5.83
CA LYS A 39 5.76 -9.89 -5.70
C LYS A 39 5.79 -10.40 -4.26
N LEU A 40 5.04 -9.74 -3.39
CA LEU A 40 4.99 -10.12 -1.98
C LEU A 40 3.55 -10.04 -1.46
N PRO A 41 3.28 -10.77 -0.37
CA PRO A 41 1.95 -10.79 0.26
C PRO A 41 1.62 -9.48 0.95
N LYS A 42 0.54 -9.48 1.73
CA LYS A 42 0.12 -8.29 2.44
C LYS A 42 0.76 -8.21 3.82
N ASP A 43 1.74 -9.06 4.05
CA ASP A 43 2.45 -9.10 5.33
C ASP A 43 3.29 -7.84 5.52
N PHE A 44 3.74 -7.25 4.42
CA PHE A 44 4.55 -6.04 4.46
C PHE A 44 3.67 -4.81 4.68
N THR A 45 2.93 -4.81 5.79
CA THR A 45 2.06 -3.69 6.12
C THR A 45 2.18 -3.31 7.59
N GLY A 46 3.15 -3.92 8.28
CA GLY A 46 3.36 -3.63 9.68
C GLY A 46 4.71 -3.02 9.95
N ARG A 47 5.34 -2.47 8.91
CA ARG A 47 6.64 -1.84 9.03
C ARG A 47 6.51 -0.37 9.41
N SER A 48 5.96 0.42 8.49
CA SER A 48 5.77 1.84 8.71
C SER A 48 5.01 2.09 10.01
N LYS A 49 5.53 3.00 10.84
CA LYS A 49 4.90 3.33 12.10
C LYS A 49 3.56 4.02 11.88
N CYS A 50 3.54 4.97 10.95
CA CYS A 50 2.31 5.71 10.64
C CYS A 50 1.65 6.23 11.91
N ARG A 51 2.21 7.31 12.45
CA ARG A 51 1.67 7.91 13.68
C ARG A 51 0.29 8.49 13.43
N SER A 52 -0.01 8.78 12.17
CA SER A 52 -1.32 9.35 11.81
C SER A 52 -2.45 8.46 12.31
N LEU A 53 -2.16 7.17 12.46
CA LEU A 53 -3.17 6.21 12.93
C LEU A 53 -3.81 6.70 14.23
N GLY A 54 -2.99 7.25 15.11
CA GLY A 54 -3.49 7.74 16.38
C GLY A 54 -2.60 8.82 16.98
N ARG A 55 -2.92 10.07 16.68
CA ARG A 55 -2.14 11.20 17.19
C ARG A 55 -2.79 11.78 18.44
N ILE A 56 -3.54 10.95 19.15
CA ILE A 56 -4.21 11.38 20.37
C ILE A 56 -3.56 10.78 21.61
N LYS A 57 -2.22 10.72 21.59
CA LYS A 57 -1.47 10.17 22.71
C LYS A 57 -1.21 11.24 23.77
N GLY A 1 -3.14 2.51 -20.08
CA GLY A 1 -2.40 1.66 -20.99
C GLY A 1 -1.26 0.94 -20.29
N SER A 2 -0.47 1.68 -19.52
CA SER A 2 0.66 1.10 -18.80
C SER A 2 0.28 0.82 -17.35
N ASN A 3 0.98 -0.15 -16.75
CA ASN A 3 0.72 -0.52 -15.36
C ASN A 3 1.92 -0.19 -14.48
N PRO A 4 1.69 -0.10 -13.16
CA PRO A 4 2.74 0.20 -12.19
C PRO A 4 3.74 -0.94 -12.03
N ASP A 5 4.59 -0.83 -11.02
CA ASP A 5 5.60 -1.86 -10.76
C ASP A 5 5.58 -2.28 -9.29
N PRO A 6 6.15 -3.46 -9.01
CA PRO A 6 6.22 -3.99 -7.64
C PRO A 6 7.17 -3.20 -6.75
N GLN A 7 7.84 -2.22 -7.34
CA GLN A 7 8.79 -1.39 -6.60
C GLN A 7 8.09 -0.15 -6.03
N GLU A 8 7.12 0.37 -6.79
CA GLU A 8 6.39 1.56 -6.36
C GLU A 8 5.14 1.16 -5.57
N VAL A 9 4.47 0.11 -6.02
CA VAL A 9 3.26 -0.37 -5.35
C VAL A 9 3.59 -0.95 -3.99
N GLN A 10 4.55 -1.86 -3.95
CA GLN A 10 4.95 -2.50 -2.70
C GLN A 10 5.27 -1.47 -1.64
N ARG A 11 6.12 -0.50 -1.99
CA ARG A 11 6.50 0.56 -1.06
C ARG A 11 5.29 1.37 -0.63
N ALA A 12 4.21 1.26 -1.40
CA ALA A 12 2.99 1.99 -1.10
C ALA A 12 2.11 1.22 -0.11
N LEU A 13 2.23 -0.11 -0.13
CA LEU A 13 1.46 -0.96 0.76
C LEU A 13 1.70 -0.59 2.22
N ALA A 14 2.85 0.01 2.49
CA ALA A 14 3.21 0.42 3.84
C ALA A 14 2.69 1.83 4.13
N ARG A 15 2.38 2.58 3.08
CA ARG A 15 1.87 3.94 3.22
C ARG A 15 0.36 3.94 3.44
N ILE A 16 -0.27 2.78 3.23
CA ILE A 16 -1.70 2.65 3.39
C ILE A 16 -2.14 3.09 4.78
N LEU A 17 -1.25 2.92 5.76
CA LEU A 17 -1.54 3.30 7.14
C LEU A 17 -1.13 4.75 7.40
N CYS A 18 -0.31 5.30 6.51
CA CYS A 18 0.15 6.67 6.64
C CYS A 18 -0.79 7.63 5.90
N ALA A 19 -0.86 7.49 4.58
CA ALA A 19 -1.71 8.34 3.76
C ALA A 19 -3.14 8.37 4.30
N LEU A 20 -3.70 7.18 4.52
CA LEU A 20 -5.06 7.07 5.05
C LEU A 20 -6.07 7.60 4.03
N GLY A 21 -5.67 7.65 2.77
CA GLY A 21 -6.55 8.12 1.73
C GLY A 21 -5.89 8.14 0.36
N GLU A 22 -4.65 8.60 0.32
CA GLU A 22 -3.90 8.67 -0.94
C GLU A 22 -3.55 7.27 -1.43
N LEU A 23 -3.36 6.34 -0.49
CA LEU A 23 -3.02 4.97 -0.82
C LEU A 23 -4.26 4.13 -1.06
N ASP A 24 -5.38 4.58 -0.50
CA ASP A 24 -6.66 3.87 -0.65
C ASP A 24 -7.04 3.78 -2.12
N LYS A 25 -6.45 4.63 -2.95
CA LYS A 25 -6.74 4.64 -4.38
C LYS A 25 -5.88 3.62 -5.11
N LEU A 26 -5.00 2.95 -4.37
CA LEU A 26 -4.12 1.94 -4.95
C LEU A 26 -4.35 0.58 -4.30
N VAL A 27 -4.21 0.53 -2.98
CA VAL A 27 -4.40 -0.71 -2.24
C VAL A 27 -5.81 -1.25 -2.44
N LYS A 28 -6.72 -0.39 -2.88
CA LYS A 28 -8.10 -0.79 -3.12
C LYS A 28 -8.33 -1.09 -4.59
N ASP A 29 -8.01 -0.13 -5.44
CA ASP A 29 -8.18 -0.28 -6.88
C ASP A 29 -7.25 -1.36 -7.43
N GLN A 30 -5.95 -1.14 -7.28
CA GLN A 30 -4.95 -2.10 -7.75
C GLN A 30 -5.27 -3.51 -7.25
N ALA A 31 -5.38 -3.65 -5.94
CA ALA A 31 -5.68 -4.94 -5.33
C ALA A 31 -6.97 -5.52 -5.88
N ASN A 32 -7.84 -4.66 -6.40
CA ASN A 32 -9.12 -5.08 -6.97
C ASN A 32 -9.11 -4.96 -8.49
N ALA A 33 -7.91 -4.86 -9.06
CA ALA A 33 -7.76 -4.75 -10.50
C ALA A 33 -6.74 -5.75 -11.03
N GLY A 34 -6.22 -6.59 -10.13
CA GLY A 34 -5.23 -7.58 -10.54
C GLY A 34 -3.83 -7.20 -10.12
N GLN A 35 -3.46 -7.54 -8.90
CA GLN A 35 -2.13 -7.23 -8.38
C GLN A 35 -1.07 -8.12 -9.02
N GLN A 36 -0.72 -7.81 -10.26
CA GLN A 36 0.29 -8.60 -10.98
C GLN A 36 1.69 -8.11 -10.67
N GLU A 37 1.78 -6.90 -10.10
CA GLU A 37 3.08 -6.32 -9.75
C GLU A 37 3.68 -7.04 -8.55
N PHE A 38 3.16 -6.77 -7.37
CA PHE A 38 3.64 -7.38 -6.15
C PHE A 38 2.80 -8.60 -5.77
N LYS A 39 3.46 -9.63 -5.25
CA LYS A 39 2.77 -10.86 -4.87
C LYS A 39 2.94 -11.12 -3.37
N LEU A 40 3.88 -10.41 -2.75
CA LEU A 40 4.13 -10.55 -1.32
C LEU A 40 2.98 -9.99 -0.50
N PRO A 41 2.85 -10.48 0.74
CA PRO A 41 1.79 -10.02 1.66
C PRO A 41 2.01 -8.60 2.13
N LYS A 42 1.15 -8.14 3.05
CA LYS A 42 1.25 -6.79 3.58
C LYS A 42 2.13 -6.76 4.84
N ASP A 43 2.86 -7.86 5.07
CA ASP A 43 3.74 -7.95 6.21
C ASP A 43 4.68 -6.75 6.28
N PHE A 44 5.02 -6.21 5.12
CA PHE A 44 5.91 -5.05 5.05
C PHE A 44 5.12 -3.74 5.12
N THR A 45 4.21 -3.66 6.08
CA THR A 45 3.40 -2.47 6.26
C THR A 45 3.11 -2.21 7.74
N GLY A 46 3.87 -2.88 8.60
CA GLY A 46 3.69 -2.70 10.03
C GLY A 46 4.86 -2.00 10.69
N ARG A 47 5.98 -1.93 9.98
CA ARG A 47 7.18 -1.29 10.49
C ARG A 47 7.48 0.01 9.72
N SER A 48 7.49 1.12 10.44
CA SER A 48 7.76 2.42 9.83
C SER A 48 7.76 3.52 10.89
N LYS A 49 8.42 4.63 10.57
CA LYS A 49 8.50 5.76 11.49
C LYS A 49 7.23 6.61 11.43
N CYS A 50 6.31 6.21 10.55
CA CYS A 50 5.05 6.94 10.39
C CYS A 50 4.20 6.83 11.65
N ARG A 51 4.38 7.79 12.56
CA ARG A 51 3.63 7.79 13.81
C ARG A 51 2.13 7.67 13.55
N SER A 52 1.70 8.12 12.37
CA SER A 52 0.30 8.06 12.00
C SER A 52 0.02 6.84 11.13
N LEU A 53 0.11 5.65 11.72
CA LEU A 53 -0.13 4.41 10.99
C LEU A 53 -1.54 3.90 11.26
N GLY A 54 -1.76 3.37 12.47
CA GLY A 54 -3.06 2.86 12.83
C GLY A 54 -3.93 3.89 13.51
N ARG A 55 -3.45 4.43 14.63
CA ARG A 55 -4.19 5.43 15.38
C ARG A 55 -5.57 4.91 15.78
N ILE A 56 -5.59 3.73 16.38
CA ILE A 56 -6.84 3.12 16.82
C ILE A 56 -6.78 2.73 18.29
N LYS A 57 -7.39 3.54 19.14
CA LYS A 57 -7.41 3.26 20.58
C LYS A 57 -8.32 2.09 20.90
N GLY A 1 -5.08 3.89 -20.06
CA GLY A 1 -4.97 2.52 -19.59
C GLY A 1 -3.58 2.20 -19.07
N SER A 2 -3.07 3.04 -18.17
CA SER A 2 -1.74 2.85 -17.61
C SER A 2 -1.83 2.15 -16.25
N ASN A 3 -0.79 1.41 -15.90
CA ASN A 3 -0.74 0.70 -14.63
C ASN A 3 0.44 1.15 -13.79
N PRO A 4 0.33 0.96 -12.46
CA PRO A 4 1.39 1.34 -11.52
C PRO A 4 2.63 0.46 -11.65
N ASP A 5 3.52 0.57 -10.68
CA ASP A 5 4.75 -0.22 -10.67
C ASP A 5 4.93 -0.95 -9.35
N PRO A 6 5.78 -1.98 -9.34
CA PRO A 6 6.06 -2.77 -8.15
C PRO A 6 6.85 -2.00 -7.11
N GLN A 7 7.30 -0.81 -7.47
CA GLN A 7 8.07 0.03 -6.57
C GLN A 7 7.17 1.06 -5.89
N GLU A 8 6.31 1.70 -6.67
CA GLU A 8 5.40 2.71 -6.15
C GLU A 8 4.36 2.08 -5.24
N VAL A 9 3.81 0.95 -5.67
CA VAL A 9 2.80 0.24 -4.89
C VAL A 9 3.41 -0.38 -3.65
N GLN A 10 4.57 -1.01 -3.80
CA GLN A 10 5.25 -1.65 -2.69
C GLN A 10 5.41 -0.69 -1.52
N ARG A 11 5.57 0.59 -1.82
CA ARG A 11 5.73 1.61 -0.81
C ARG A 11 4.41 1.83 -0.05
N ALA A 12 3.30 1.73 -0.76
CA ALA A 12 1.98 1.91 -0.17
C ALA A 12 1.65 0.77 0.79
N LEU A 13 2.17 -0.42 0.49
CA LEU A 13 1.93 -1.59 1.32
C LEU A 13 2.24 -1.30 2.78
N ALA A 14 3.45 -0.81 3.04
CA ALA A 14 3.87 -0.48 4.40
C ALA A 14 3.19 0.80 4.88
N ARG A 15 2.53 1.49 3.97
CA ARG A 15 1.84 2.73 4.32
C ARG A 15 0.39 2.45 4.74
N ILE A 16 -0.01 1.20 4.62
CA ILE A 16 -1.37 0.80 4.99
C ILE A 16 -1.63 1.05 6.47
N LEU A 17 -0.56 1.22 7.24
CA LEU A 17 -0.66 1.46 8.66
C LEU A 17 -0.69 2.96 8.97
N CYS A 18 -0.08 3.74 8.07
CA CYS A 18 -0.04 5.19 8.24
C CYS A 18 -1.24 5.85 7.56
N ALA A 19 -1.41 5.57 6.27
CA ALA A 19 -2.51 6.13 5.50
C ALA A 19 -3.83 5.99 6.25
N LEU A 20 -4.33 4.76 6.32
CA LEU A 20 -5.59 4.49 7.01
C LEU A 20 -6.74 5.24 6.35
N GLY A 21 -7.21 4.74 5.21
CA GLY A 21 -8.30 5.38 4.50
C GLY A 21 -7.87 5.97 3.17
N GLU A 22 -6.56 6.00 2.95
CA GLU A 22 -6.02 6.55 1.70
C GLU A 22 -5.31 5.47 0.90
N LEU A 23 -4.76 4.48 1.61
CA LEU A 23 -4.05 3.39 0.95
C LEU A 23 -4.99 2.53 0.13
N ASP A 24 -6.29 2.62 0.44
CA ASP A 24 -7.30 1.85 -0.28
C ASP A 24 -7.28 2.19 -1.76
N LYS A 25 -6.71 3.34 -2.10
CA LYS A 25 -6.62 3.78 -3.49
C LYS A 25 -5.36 3.25 -4.15
N LEU A 26 -4.67 2.35 -3.46
CA LEU A 26 -3.44 1.75 -4.00
C LEU A 26 -3.41 0.25 -3.76
N VAL A 27 -3.70 -0.15 -2.52
CA VAL A 27 -3.71 -1.57 -2.16
C VAL A 27 -5.02 -2.24 -2.60
N LYS A 28 -5.89 -1.45 -3.22
CA LYS A 28 -7.17 -1.96 -3.69
C LYS A 28 -7.40 -1.61 -5.15
N ASP A 29 -6.96 -0.42 -5.54
CA ASP A 29 -7.10 0.03 -6.92
C ASP A 29 -6.12 -0.68 -7.84
N GLN A 30 -5.22 -1.46 -7.24
CA GLN A 30 -4.22 -2.19 -8.00
C GLN A 30 -4.19 -3.67 -7.60
N ALA A 31 -4.12 -3.92 -6.30
CA ALA A 31 -4.11 -5.28 -5.78
C ALA A 31 -5.32 -6.07 -6.26
N ASN A 32 -6.40 -5.36 -6.56
CA ASN A 32 -7.62 -6.00 -7.03
C ASN A 32 -7.82 -5.77 -8.53
N ALA A 33 -6.74 -5.38 -9.21
CA ALA A 33 -6.80 -5.12 -10.64
C ALA A 33 -6.03 -6.18 -11.41
N GLY A 34 -5.26 -7.01 -10.69
CA GLY A 34 -4.49 -8.06 -11.32
C GLY A 34 -3.11 -8.21 -10.71
N GLN A 35 -2.75 -7.28 -9.84
CA GLN A 35 -1.45 -7.32 -9.18
C GLN A 35 -0.33 -7.53 -10.19
N GLN A 36 -0.46 -6.88 -11.35
CA GLN A 36 0.54 -7.01 -12.41
C GLN A 36 1.86 -6.34 -11.99
N GLU A 37 1.81 -5.58 -10.91
CA GLU A 37 3.00 -4.89 -10.41
C GLU A 37 3.74 -5.75 -9.40
N PHE A 38 3.21 -5.82 -8.18
CA PHE A 38 3.82 -6.61 -7.12
C PHE A 38 3.11 -7.96 -6.96
N LYS A 39 3.87 -8.97 -6.55
CA LYS A 39 3.30 -10.31 -6.36
C LYS A 39 3.73 -10.88 -5.01
N LEU A 40 4.01 -9.99 -4.06
CA LEU A 40 4.42 -10.42 -2.72
C LEU A 40 3.32 -10.17 -1.70
N PRO A 41 3.40 -10.87 -0.56
CA PRO A 41 2.41 -10.74 0.51
C PRO A 41 2.49 -9.38 1.22
N LYS A 42 1.81 -9.26 2.35
CA LYS A 42 1.82 -8.03 3.12
C LYS A 42 2.94 -8.02 4.15
N ASP A 43 3.91 -8.91 3.97
CA ASP A 43 5.04 -9.01 4.88
C ASP A 43 5.79 -7.68 4.96
N PHE A 44 5.64 -6.87 3.92
CA PHE A 44 6.30 -5.57 3.87
C PHE A 44 5.42 -4.48 4.50
N THR A 45 4.86 -4.78 5.67
CA THR A 45 4.01 -3.84 6.37
C THR A 45 4.16 -3.98 7.88
N GLY A 46 5.23 -4.66 8.30
CA GLY A 46 5.48 -4.85 9.72
C GLY A 46 6.92 -4.60 10.09
N ARG A 47 7.64 -3.88 9.24
CA ARG A 47 9.04 -3.57 9.49
C ARG A 47 9.22 -2.12 9.92
N SER A 48 8.30 -1.26 9.50
CA SER A 48 8.36 0.15 9.85
C SER A 48 7.81 0.38 11.25
N LYS A 49 8.19 1.52 11.84
CA LYS A 49 7.74 1.87 13.19
C LYS A 49 6.38 2.58 13.14
N CYS A 50 6.01 3.05 11.96
CA CYS A 50 4.75 3.75 11.77
C CYS A 50 3.58 2.78 11.86
N ARG A 51 3.19 2.43 13.08
CA ARG A 51 2.08 1.51 13.30
C ARG A 51 0.79 2.27 13.62
N SER A 52 0.80 3.01 14.72
CA SER A 52 -0.37 3.77 15.15
C SER A 52 0.05 5.15 15.64
N LEU A 53 -0.20 6.17 14.82
CA LEU A 53 0.15 7.54 15.18
C LEU A 53 -1.10 8.36 15.48
N GLY A 54 -2.23 7.95 14.89
CA GLY A 54 -3.47 8.65 15.11
C GLY A 54 -3.58 9.93 14.31
N ARG A 55 -3.46 9.82 12.99
CA ARG A 55 -3.53 10.97 12.10
C ARG A 55 -4.56 10.75 10.99
N ILE A 56 -5.84 10.71 11.37
CA ILE A 56 -6.91 10.51 10.41
C ILE A 56 -7.50 11.85 9.96
N LYS A 57 -6.71 12.90 10.09
CA LYS A 57 -7.15 14.24 9.68
C LYS A 57 -6.13 14.88 8.74
N GLY A 1 -7.39 3.76 -17.70
CA GLY A 1 -7.45 2.87 -16.55
C GLY A 1 -6.35 3.16 -15.55
N SER A 2 -5.79 2.09 -14.98
CA SER A 2 -4.72 2.22 -13.99
C SER A 2 -3.70 1.11 -14.17
N ASN A 3 -2.42 1.45 -13.98
CA ASN A 3 -1.34 0.48 -14.11
C ASN A 3 0.00 1.10 -13.69
N PRO A 4 0.19 1.30 -12.39
CA PRO A 4 1.41 1.87 -11.84
C PRO A 4 2.61 0.93 -11.97
N ASP A 5 3.70 1.27 -11.30
CA ASP A 5 4.91 0.45 -11.34
C ASP A 5 5.22 -0.12 -9.96
N PRO A 6 6.06 -1.17 -9.94
CA PRO A 6 6.45 -1.83 -8.69
C PRO A 6 7.36 -0.96 -7.83
N GLN A 7 7.72 0.21 -8.36
CA GLN A 7 8.58 1.13 -7.64
C GLN A 7 7.76 2.08 -6.76
N GLU A 8 6.62 2.51 -7.28
CA GLU A 8 5.75 3.42 -6.56
C GLU A 8 4.72 2.64 -5.72
N VAL A 9 4.24 1.54 -6.27
CA VAL A 9 3.26 0.71 -5.58
C VAL A 9 3.88 0.01 -4.38
N GLN A 10 5.06 -0.57 -4.59
CA GLN A 10 5.75 -1.27 -3.52
C GLN A 10 5.91 -0.38 -2.29
N ARG A 11 6.38 0.85 -2.52
CA ARG A 11 6.58 1.79 -1.43
C ARG A 11 5.24 2.23 -0.82
N ALA A 12 4.15 1.89 -1.52
CA ALA A 12 2.82 2.24 -1.06
C ALA A 12 2.27 1.17 -0.12
N LEU A 13 2.72 -0.05 -0.29
CA LEU A 13 2.27 -1.16 0.54
C LEU A 13 2.39 -0.81 2.02
N ALA A 14 3.54 -0.27 2.41
CA ALA A 14 3.77 0.12 3.79
C ALA A 14 3.09 1.44 4.12
N ARG A 15 2.71 2.18 3.08
CA ARG A 15 2.05 3.46 3.26
C ARG A 15 0.58 3.26 3.65
N ILE A 16 0.14 2.01 3.64
CA ILE A 16 -1.24 1.68 3.99
C ILE A 16 -1.49 1.86 5.49
N LEU A 17 -0.41 1.89 6.26
CA LEU A 17 -0.51 2.06 7.70
C LEU A 17 -0.59 3.54 8.07
N CYS A 18 0.08 4.38 7.29
CA CYS A 18 0.08 5.81 7.53
C CYS A 18 -1.07 6.49 6.78
N ALA A 19 -1.22 6.15 5.51
CA ALA A 19 -2.28 6.72 4.68
C ALA A 19 -3.63 6.64 5.39
N LEU A 20 -4.18 5.44 5.44
CA LEU A 20 -5.48 5.23 6.09
C LEU A 20 -6.57 6.03 5.39
N GLY A 21 -7.02 5.54 4.25
CA GLY A 21 -8.07 6.23 3.50
C GLY A 21 -7.63 6.61 2.11
N GLU A 22 -6.33 6.54 1.86
CA GLU A 22 -5.79 6.89 0.54
C GLU A 22 -5.24 5.65 -0.15
N LEU A 23 -4.29 4.98 0.49
CA LEU A 23 -3.68 3.78 -0.06
C LEU A 23 -4.73 2.70 -0.30
N ASP A 24 -5.86 2.81 0.37
CA ASP A 24 -6.95 1.85 0.24
C ASP A 24 -7.44 1.80 -1.21
N LYS A 25 -7.14 2.85 -1.97
CA LYS A 25 -7.55 2.94 -3.37
C LYS A 25 -6.62 2.12 -4.26
N LEU A 26 -5.37 1.98 -3.84
CA LEU A 26 -4.38 1.23 -4.59
C LEU A 26 -4.39 -0.24 -4.19
N VAL A 27 -4.43 -0.49 -2.89
CA VAL A 27 -4.45 -1.85 -2.36
C VAL A 27 -5.53 -2.69 -3.05
N LYS A 28 -6.59 -2.03 -3.47
CA LYS A 28 -7.70 -2.70 -4.14
C LYS A 28 -7.54 -2.65 -5.66
N ASP A 29 -6.83 -1.63 -6.13
CA ASP A 29 -6.60 -1.46 -7.56
C ASP A 29 -5.37 -2.25 -8.01
N GLN A 30 -4.81 -3.03 -7.09
CA GLN A 30 -3.63 -3.84 -7.39
C GLN A 30 -3.75 -5.22 -6.77
N ALA A 31 -3.81 -5.27 -5.45
CA ALA A 31 -3.93 -6.54 -4.73
C ALA A 31 -5.24 -7.24 -5.06
N ASN A 32 -6.23 -6.45 -5.47
CA ASN A 32 -7.55 -6.99 -5.81
C ASN A 32 -7.91 -6.68 -7.27
N ALA A 33 -6.94 -6.12 -8.00
CA ALA A 33 -7.15 -5.77 -9.40
C ALA A 33 -6.12 -6.44 -10.30
N GLY A 34 -5.17 -7.14 -9.68
CA GLY A 34 -4.14 -7.82 -10.44
C GLY A 34 -2.75 -7.25 -10.17
N GLN A 35 -2.10 -7.75 -9.13
CA GLN A 35 -0.77 -7.28 -8.77
C GLN A 35 0.28 -7.79 -9.75
N GLN A 36 0.33 -7.18 -10.92
CA GLN A 36 1.29 -7.58 -11.96
C GLN A 36 2.52 -6.69 -11.92
N GLU A 37 2.78 -6.08 -10.76
CA GLU A 37 3.93 -5.21 -10.60
C GLU A 37 4.83 -5.69 -9.47
N PHE A 38 4.44 -5.41 -8.24
CA PHE A 38 5.21 -5.82 -7.07
C PHE A 38 4.83 -7.24 -6.64
N LYS A 39 5.69 -7.86 -5.84
CA LYS A 39 5.44 -9.21 -5.36
C LYS A 39 5.53 -9.27 -3.83
N LEU A 40 5.80 -8.12 -3.21
CA LEU A 40 5.92 -8.05 -1.76
C LEU A 40 4.65 -8.54 -1.09
N PRO A 41 4.80 -9.18 0.08
CA PRO A 41 3.66 -9.70 0.85
C PRO A 41 2.82 -8.60 1.46
N LYS A 42 1.66 -8.98 1.99
CA LYS A 42 0.76 -8.02 2.62
C LYS A 42 1.06 -7.86 4.11
N ASP A 43 1.68 -8.88 4.68
CA ASP A 43 2.04 -8.85 6.10
C ASP A 43 3.14 -7.83 6.37
N PHE A 44 3.75 -7.34 5.30
CA PHE A 44 4.82 -6.35 5.42
C PHE A 44 4.36 -5.15 6.24
N THR A 45 3.05 -4.92 6.26
CA THR A 45 2.49 -3.80 7.00
C THR A 45 2.19 -4.20 8.45
N GLY A 46 3.18 -4.79 9.10
CA GLY A 46 3.00 -5.21 10.48
C GLY A 46 4.21 -4.90 11.34
N ARG A 47 5.14 -4.14 10.79
CA ARG A 47 6.36 -3.78 11.51
C ARG A 47 6.52 -2.26 11.59
N SER A 48 6.10 -1.57 10.53
CA SER A 48 6.20 -0.11 10.48
C SER A 48 5.36 0.53 11.59
N LYS A 49 4.43 -0.24 12.15
CA LYS A 49 3.57 0.24 13.22
C LYS A 49 3.20 1.70 12.99
N CYS A 50 2.66 1.99 11.81
CA CYS A 50 2.25 3.34 11.47
C CYS A 50 0.73 3.45 11.42
N ARG A 51 0.04 2.36 11.74
CA ARG A 51 -1.41 2.33 11.73
C ARG A 51 -1.98 3.50 12.53
N SER A 52 -1.24 3.93 13.55
CA SER A 52 -1.67 5.04 14.39
C SER A 52 -0.60 6.12 14.46
N LEU A 53 0.66 5.69 14.49
CA LEU A 53 1.78 6.63 14.56
C LEU A 53 1.67 7.68 13.47
N GLY A 54 1.12 7.29 12.32
CA GLY A 54 0.96 8.23 11.22
C GLY A 54 -0.03 9.34 11.53
N ARG A 55 -1.16 8.97 12.13
CA ARG A 55 -2.19 9.94 12.48
C ARG A 55 -2.35 10.03 14.00
N ILE A 56 -1.63 10.97 14.60
CA ILE A 56 -1.69 11.16 16.04
C ILE A 56 -2.27 12.53 16.39
N LYS A 57 -3.06 13.08 15.48
CA LYS A 57 -3.68 14.37 15.68
C LYS A 57 -5.05 14.23 16.35
N GLY A 1 -6.53 3.89 -16.15
CA GLY A 1 -5.64 3.25 -15.20
C GLY A 1 -4.24 3.82 -15.25
N SER A 2 -3.38 3.32 -14.37
CA SER A 2 -2.00 3.79 -14.30
C SER A 2 -1.02 2.62 -14.38
N ASN A 3 0.28 2.94 -14.37
CA ASN A 3 1.32 1.93 -14.44
C ASN A 3 2.43 2.22 -13.44
N PRO A 4 2.15 2.00 -12.15
CA PRO A 4 3.11 2.23 -11.08
C PRO A 4 4.25 1.22 -11.10
N ASP A 5 5.07 1.22 -10.05
CA ASP A 5 6.19 0.31 -9.94
C ASP A 5 6.15 -0.46 -8.62
N PRO A 6 6.87 -1.59 -8.57
CA PRO A 6 6.92 -2.43 -7.37
C PRO A 6 7.70 -1.78 -6.24
N GLN A 7 8.35 -0.65 -6.54
CA GLN A 7 9.13 0.07 -5.54
C GLN A 7 8.26 1.08 -4.79
N GLU A 8 7.29 1.66 -5.50
CA GLU A 8 6.39 2.64 -4.90
C GLU A 8 5.16 1.95 -4.31
N VAL A 9 4.64 0.96 -5.02
CA VAL A 9 3.47 0.22 -4.58
C VAL A 9 3.77 -0.60 -3.32
N GLN A 10 4.89 -1.33 -3.36
CA GLN A 10 5.30 -2.16 -2.24
C GLN A 10 5.30 -1.35 -0.94
N ARG A 11 5.92 -0.18 -0.97
CA ARG A 11 5.99 0.68 0.19
C ARG A 11 4.62 1.29 0.51
N ALA A 12 3.83 1.54 -0.53
CA ALA A 12 2.51 2.11 -0.37
C ALA A 12 1.60 1.18 0.44
N LEU A 13 1.73 -0.11 0.20
CA LEU A 13 0.93 -1.10 0.90
C LEU A 13 1.10 -0.97 2.41
N ALA A 14 2.23 -0.42 2.83
CA ALA A 14 2.51 -0.23 4.25
C ALA A 14 1.77 0.98 4.80
N ARG A 15 1.44 1.92 3.91
CA ARG A 15 0.73 3.13 4.31
C ARG A 15 -0.73 2.83 4.62
N ILE A 16 -1.17 1.63 4.25
CA ILE A 16 -2.55 1.22 4.49
C ILE A 16 -2.93 1.37 5.96
N LEU A 17 -1.92 1.30 6.82
CA LEU A 17 -2.14 1.44 8.26
C LEU A 17 -2.42 2.89 8.64
N CYS A 18 -1.83 3.81 7.90
CA CYS A 18 -2.01 5.23 8.14
C CYS A 18 -3.20 5.78 7.36
N ALA A 19 -3.13 5.64 6.03
CA ALA A 19 -4.20 6.12 5.15
C ALA A 19 -5.56 5.60 5.62
N LEU A 20 -5.70 4.28 5.64
CA LEU A 20 -6.95 3.66 6.07
C LEU A 20 -8.09 4.03 5.13
N GLY A 21 -7.73 4.49 3.93
CA GLY A 21 -8.74 4.88 2.96
C GLY A 21 -8.14 5.35 1.65
N GLU A 22 -7.02 6.07 1.75
CA GLU A 22 -6.34 6.57 0.56
C GLU A 22 -5.52 5.48 -0.12
N LEU A 23 -5.07 4.51 0.68
CA LEU A 23 -4.27 3.41 0.17
C LEU A 23 -5.17 2.30 -0.38
N ASP A 24 -6.41 2.26 0.09
CA ASP A 24 -7.36 1.26 -0.36
C ASP A 24 -7.60 1.36 -1.86
N LYS A 25 -7.27 2.50 -2.43
CA LYS A 25 -7.45 2.73 -3.85
C LYS A 25 -6.29 2.13 -4.64
N LEU A 26 -5.35 1.51 -3.95
CA LEU A 26 -4.19 0.89 -4.58
C LEU A 26 -4.14 -0.60 -4.28
N VAL A 27 -4.13 -0.94 -2.99
CA VAL A 27 -4.08 -2.33 -2.57
C VAL A 27 -5.21 -3.13 -3.19
N LYS A 28 -6.33 -2.47 -3.44
CA LYS A 28 -7.49 -3.11 -4.05
C LYS A 28 -7.51 -2.91 -5.56
N ASP A 29 -6.95 -1.79 -6.01
CA ASP A 29 -6.91 -1.48 -7.43
C ASP A 29 -5.63 -2.01 -8.06
N GLN A 30 -4.95 -2.91 -7.34
CA GLN A 30 -3.71 -3.50 -7.83
C GLN A 30 -3.73 -5.01 -7.67
N ALA A 31 -3.93 -5.47 -6.45
CA ALA A 31 -3.97 -6.90 -6.17
C ALA A 31 -5.26 -7.53 -6.70
N ASN A 32 -6.23 -6.69 -7.02
CA ASN A 32 -7.51 -7.15 -7.54
C ASN A 32 -7.81 -6.52 -8.89
N ALA A 33 -6.89 -5.70 -9.37
CA ALA A 33 -7.05 -5.03 -10.66
C ALA A 33 -5.96 -5.46 -11.64
N GLY A 34 -4.81 -5.86 -11.10
CA GLY A 34 -3.71 -6.29 -11.94
C GLY A 34 -2.36 -6.03 -11.30
N GLN A 35 -1.91 -6.97 -10.47
CA GLN A 35 -0.63 -6.84 -9.79
C GLN A 35 0.52 -7.05 -10.75
N GLN A 36 0.81 -6.03 -11.57
CA GLN A 36 1.89 -6.11 -12.54
C GLN A 36 3.20 -5.63 -11.94
N GLU A 37 3.10 -4.90 -10.82
CA GLU A 37 4.29 -4.37 -10.15
C GLU A 37 4.83 -5.37 -9.14
N PHE A 38 4.16 -5.48 -7.99
CA PHE A 38 4.57 -6.40 -6.94
C PHE A 38 3.74 -7.69 -6.98
N LYS A 39 4.27 -8.74 -6.38
CA LYS A 39 3.58 -10.02 -6.34
C LYS A 39 3.82 -10.73 -5.01
N LEU A 40 4.26 -9.98 -4.01
CA LEU A 40 4.54 -10.53 -2.69
C LEU A 40 3.35 -10.31 -1.75
N PRO A 41 3.29 -11.10 -0.67
CA PRO A 41 2.22 -11.01 0.32
C PRO A 41 2.30 -9.73 1.14
N LYS A 42 1.54 -9.67 2.23
CA LYS A 42 1.52 -8.51 3.11
C LYS A 42 2.57 -8.63 4.20
N ASP A 43 3.83 -8.61 3.81
CA ASP A 43 4.94 -8.72 4.76
C ASP A 43 5.67 -7.38 4.90
N PHE A 44 5.56 -6.55 3.88
CA PHE A 44 6.21 -5.25 3.89
C PHE A 44 5.24 -4.15 4.34
N THR A 45 4.31 -4.53 5.21
CA THR A 45 3.32 -3.58 5.71
C THR A 45 3.43 -3.42 7.23
N GLY A 46 4.20 -4.31 7.85
CA GLY A 46 4.36 -4.25 9.29
C GLY A 46 5.39 -3.22 9.72
N ARG A 47 6.27 -2.84 8.79
CA ARG A 47 7.30 -1.86 9.07
C ARG A 47 6.69 -0.53 9.49
N SER A 48 5.59 -0.15 8.84
CA SER A 48 4.91 1.11 9.15
C SER A 48 4.63 1.21 10.64
N LYS A 49 4.81 2.41 11.19
CA LYS A 49 4.59 2.66 12.61
C LYS A 49 3.23 3.32 12.84
N CYS A 50 2.73 3.99 11.80
CA CYS A 50 1.45 4.67 11.88
C CYS A 50 0.30 3.67 11.83
N ARG A 51 0.07 2.98 12.96
CA ARG A 51 -1.00 1.98 13.04
C ARG A 51 -2.23 2.58 13.71
N SER A 52 -3.17 3.06 12.88
CA SER A 52 -4.40 3.65 13.39
C SER A 52 -4.10 4.74 14.41
N LEU A 53 -2.97 5.41 14.23
CA LEU A 53 -2.55 6.49 15.14
C LEU A 53 -3.21 7.81 14.76
N GLY A 54 -3.29 8.07 13.46
CA GLY A 54 -3.89 9.30 12.99
C GLY A 54 -2.92 10.46 12.98
N ARG A 55 -1.63 10.15 13.00
CA ARG A 55 -0.59 11.18 13.00
C ARG A 55 -0.10 11.46 11.59
N ILE A 56 -0.81 12.33 10.88
CA ILE A 56 -0.45 12.69 9.52
C ILE A 56 -0.11 14.17 9.41
N LYS A 57 0.30 14.76 10.52
CA LYS A 57 0.66 16.17 10.55
C LYS A 57 2.11 16.37 10.14
N GLY A 1 -7.02 3.36 -17.11
CA GLY A 1 -6.26 2.30 -16.45
C GLY A 1 -4.93 2.79 -15.93
N SER A 2 -4.35 2.06 -14.98
CA SER A 2 -3.07 2.42 -14.40
C SER A 2 -2.09 1.25 -14.47
N ASN A 3 -0.81 1.58 -14.67
CA ASN A 3 0.23 0.55 -14.76
C ASN A 3 1.43 0.93 -13.90
N PRO A 4 1.27 0.82 -12.58
CA PRO A 4 2.34 1.13 -11.62
C PRO A 4 3.48 0.13 -11.66
N ASP A 5 4.37 0.21 -10.69
CA ASP A 5 5.51 -0.69 -10.61
C ASP A 5 5.56 -1.39 -9.26
N PRO A 6 6.29 -2.51 -9.19
CA PRO A 6 6.45 -3.30 -7.96
C PRO A 6 7.27 -2.57 -6.91
N GLN A 7 7.86 -1.45 -7.30
CA GLN A 7 8.69 -0.66 -6.38
C GLN A 7 7.87 0.47 -5.76
N GLU A 8 6.88 0.95 -6.50
CA GLU A 8 6.03 2.04 -6.02
C GLU A 8 4.82 1.49 -5.27
N VAL A 9 4.34 0.32 -5.70
CA VAL A 9 3.19 -0.31 -5.08
C VAL A 9 3.58 -0.98 -3.76
N GLN A 10 4.63 -1.78 -3.81
CA GLN A 10 5.10 -2.49 -2.62
C GLN A 10 5.36 -1.51 -1.48
N ARG A 11 5.77 -0.30 -1.82
CA ARG A 11 6.06 0.74 -0.83
C ARG A 11 4.77 1.36 -0.31
N ALA A 12 3.71 1.28 -1.11
CA ALA A 12 2.42 1.84 -0.73
C ALA A 12 1.66 0.89 0.19
N LEU A 13 1.90 -0.41 0.04
CA LEU A 13 1.24 -1.41 0.85
C LEU A 13 1.45 -1.13 2.34
N ALA A 14 2.70 -0.92 2.73
CA ALA A 14 3.03 -0.63 4.12
C ALA A 14 2.63 0.80 4.50
N ARG A 15 2.38 1.62 3.48
CA ARG A 15 1.99 3.01 3.70
C ARG A 15 0.52 3.10 4.09
N ILE A 16 -0.20 1.99 3.95
CA ILE A 16 -1.61 1.94 4.29
C ILE A 16 -1.86 2.39 5.73
N LEU A 17 -0.83 2.25 6.57
CA LEU A 17 -0.93 2.63 7.96
C LEU A 17 -0.61 4.11 8.15
N CYS A 18 0.14 4.67 7.21
CA CYS A 18 0.50 6.08 7.26
C CYS A 18 -0.52 6.94 6.53
N ALA A 19 -0.71 6.68 5.24
CA ALA A 19 -1.68 7.43 4.45
C ALA A 19 -3.04 7.47 5.12
N LEU A 20 -3.64 6.30 5.31
CA LEU A 20 -4.95 6.20 5.95
C LEU A 20 -6.01 6.95 5.15
N GLY A 21 -6.62 6.27 4.20
CA GLY A 21 -7.64 6.89 3.38
C GLY A 21 -7.19 7.11 1.94
N GLU A 22 -5.88 7.33 1.77
CA GLU A 22 -5.32 7.57 0.45
C GLU A 22 -4.87 6.25 -0.20
N LEU A 23 -4.20 5.42 0.59
CA LEU A 23 -3.72 4.13 0.11
C LEU A 23 -4.87 3.26 -0.37
N ASP A 24 -6.07 3.56 0.12
CA ASP A 24 -7.26 2.81 -0.25
C ASP A 24 -7.50 2.87 -1.75
N LYS A 25 -6.89 3.86 -2.40
CA LYS A 25 -7.03 4.03 -3.84
C LYS A 25 -6.09 3.11 -4.60
N LEU A 26 -5.14 2.53 -3.88
CA LEU A 26 -4.17 1.62 -4.49
C LEU A 26 -4.47 0.17 -4.10
N VAL A 27 -4.66 -0.08 -2.81
CA VAL A 27 -4.95 -1.42 -2.33
C VAL A 27 -6.18 -2.00 -3.04
N LYS A 28 -7.04 -1.12 -3.52
CA LYS A 28 -8.25 -1.54 -4.22
C LYS A 28 -8.04 -1.54 -5.73
N ASP A 29 -7.23 -0.61 -6.21
CA ASP A 29 -6.94 -0.49 -7.63
C ASP A 29 -5.72 -1.33 -8.01
N GLN A 30 -5.32 -2.23 -7.10
CA GLN A 30 -4.17 -3.09 -7.34
C GLN A 30 -4.53 -4.55 -7.08
N ALA A 31 -4.81 -4.88 -5.82
CA ALA A 31 -5.17 -6.24 -5.45
C ALA A 31 -6.39 -6.72 -6.23
N ASN A 32 -7.17 -5.78 -6.73
CA ASN A 32 -8.37 -6.11 -7.49
C ASN A 32 -8.31 -5.50 -8.88
N ALA A 33 -7.12 -5.09 -9.30
CA ALA A 33 -6.92 -4.49 -10.62
C ALA A 33 -5.61 -4.96 -11.24
N GLY A 34 -5.00 -5.98 -10.64
CA GLY A 34 -3.75 -6.51 -11.15
C GLY A 34 -3.05 -7.41 -10.16
N GLN A 35 -2.51 -6.83 -9.09
CA GLN A 35 -1.82 -7.60 -8.07
C GLN A 35 -0.70 -8.44 -8.69
N GLN A 36 -0.24 -8.03 -9.86
CA GLN A 36 0.82 -8.75 -10.55
C GLN A 36 2.13 -7.98 -10.51
N GLU A 37 2.05 -6.70 -10.15
CA GLU A 37 3.23 -5.86 -10.06
C GLU A 37 4.23 -6.41 -9.05
N PHE A 38 4.00 -6.13 -7.78
CA PHE A 38 4.88 -6.61 -6.72
C PHE A 38 4.95 -8.13 -6.71
N LYS A 39 5.93 -8.67 -6.00
CA LYS A 39 6.11 -10.11 -5.91
C LYS A 39 6.13 -10.57 -4.45
N LEU A 40 5.35 -9.88 -3.62
CA LEU A 40 5.27 -10.21 -2.20
C LEU A 40 3.85 -10.02 -1.67
N PRO A 41 3.53 -10.70 -0.56
CA PRO A 41 2.21 -10.60 0.07
C PRO A 41 1.96 -9.25 0.71
N LYS A 42 0.76 -9.06 1.24
CA LYS A 42 0.39 -7.79 1.88
C LYS A 42 0.73 -7.84 3.37
N ASP A 43 1.41 -8.89 3.79
CA ASP A 43 1.79 -9.04 5.20
C ASP A 43 3.04 -8.22 5.51
N PHE A 44 3.57 -7.56 4.50
CA PHE A 44 4.77 -6.75 4.67
C PHE A 44 4.42 -5.36 5.21
N THR A 45 3.13 -5.14 5.46
CA THR A 45 2.66 -3.87 5.98
C THR A 45 2.58 -3.89 7.50
N GLY A 46 3.28 -4.84 8.11
CA GLY A 46 3.29 -4.95 9.56
C GLY A 46 4.42 -4.16 10.19
N ARG A 47 4.99 -3.23 9.43
CA ARG A 47 6.07 -2.40 9.93
C ARG A 47 6.28 -1.17 9.06
N SER A 48 6.37 0.00 9.69
CA SER A 48 6.54 1.25 8.96
C SER A 48 6.89 2.39 9.91
N LYS A 49 7.91 3.16 9.57
CA LYS A 49 8.34 4.28 10.39
C LYS A 49 7.17 5.22 10.68
N CYS A 50 6.22 5.28 9.76
CA CYS A 50 5.06 6.13 9.91
C CYS A 50 3.86 5.33 10.41
N ARG A 51 3.88 4.97 11.69
CA ARG A 51 2.79 4.21 12.29
C ARG A 51 1.52 5.04 12.38
N SER A 52 1.51 6.01 13.29
CA SER A 52 0.36 6.87 13.49
C SER A 52 0.79 8.28 13.88
N LEU A 53 0.62 9.22 12.97
CA LEU A 53 1.00 10.61 13.22
C LEU A 53 -0.20 11.42 13.74
N GLY A 54 -0.30 11.54 15.05
CA GLY A 54 -1.39 12.29 15.65
C GLY A 54 -2.74 11.68 15.33
N ARG A 55 -2.80 10.35 15.28
CA ARG A 55 -4.04 9.65 15.00
C ARG A 55 -4.54 8.89 16.22
N ILE A 56 -5.03 9.63 17.20
CA ILE A 56 -5.53 9.04 18.44
C ILE A 56 -7.03 9.29 18.59
N LYS A 57 -7.64 9.89 17.56
CA LYS A 57 -9.06 10.18 17.57
C LYS A 57 -9.80 9.31 16.58
N GLY A 1 2.51 4.84 -19.90
CA GLY A 1 2.46 4.43 -18.51
C GLY A 1 1.06 4.43 -17.95
N SER A 2 0.13 3.83 -18.69
CA SER A 2 -1.26 3.76 -18.26
C SER A 2 -1.38 3.18 -16.85
N ASN A 3 -0.66 2.09 -16.61
CA ASN A 3 -0.67 1.44 -15.32
C ASN A 3 0.47 1.94 -14.43
N PRO A 4 0.33 1.74 -13.11
CA PRO A 4 1.34 2.17 -12.14
C PRO A 4 2.62 1.35 -12.23
N ASP A 5 3.51 1.54 -11.26
CA ASP A 5 4.77 0.81 -11.23
C ASP A 5 5.00 0.17 -9.86
N PRO A 6 5.91 -0.82 -9.83
CA PRO A 6 6.24 -1.54 -8.59
C PRO A 6 7.01 -0.66 -7.60
N GLN A 7 7.38 0.53 -8.05
CA GLN A 7 8.12 1.46 -7.21
C GLN A 7 7.18 2.43 -6.49
N GLU A 8 6.06 2.73 -7.14
CA GLU A 8 5.08 3.64 -6.57
C GLU A 8 4.04 2.88 -5.74
N VAL A 9 3.60 1.74 -6.25
CA VAL A 9 2.62 0.92 -5.56
C VAL A 9 3.21 0.29 -4.31
N GLN A 10 4.38 -0.34 -4.45
CA GLN A 10 5.05 -0.97 -3.33
C GLN A 10 5.19 -0.02 -2.16
N ARG A 11 5.67 1.19 -2.43
CA ARG A 11 5.84 2.20 -1.40
C ARG A 11 4.53 2.45 -0.66
N ALA A 12 3.42 2.19 -1.32
CA ALA A 12 2.10 2.38 -0.73
C ALA A 12 1.67 1.15 0.05
N LEU A 13 2.17 -0.01 -0.35
CA LEU A 13 1.83 -1.27 0.31
C LEU A 13 2.04 -1.17 1.81
N ALA A 14 3.15 -0.55 2.21
CA ALA A 14 3.47 -0.38 3.62
C ALA A 14 2.76 0.84 4.20
N ARG A 15 2.34 1.75 3.33
CA ARG A 15 1.66 2.96 3.76
C ARG A 15 0.22 2.66 4.17
N ILE A 16 -0.20 1.42 3.94
CA ILE A 16 -1.55 0.99 4.30
C ILE A 16 -1.80 1.15 5.79
N LEU A 17 -0.73 1.22 6.56
CA LEU A 17 -0.83 1.38 8.01
C LEU A 17 -0.63 2.84 8.42
N CYS A 18 0.01 3.60 7.54
CA CYS A 18 0.27 5.01 7.80
C CYS A 18 -0.87 5.89 7.29
N ALA A 19 -1.09 5.85 5.98
CA ALA A 19 -2.14 6.63 5.37
C ALA A 19 -3.48 6.43 6.08
N LEU A 20 -3.96 5.20 6.08
CA LEU A 20 -5.22 4.87 6.74
C LEU A 20 -6.39 5.61 6.08
N GLY A 21 -7.14 4.90 5.25
CA GLY A 21 -8.27 5.50 4.58
C GLY A 21 -7.90 6.06 3.21
N GLU A 22 -6.61 6.30 3.00
CA GLU A 22 -6.14 6.84 1.74
C GLU A 22 -5.51 5.75 0.88
N LEU A 23 -4.73 4.88 1.51
CA LEU A 23 -4.08 3.78 0.82
C LEU A 23 -5.08 2.70 0.43
N ASP A 24 -6.18 2.63 1.17
CA ASP A 24 -7.22 1.65 0.90
C ASP A 24 -7.73 1.77 -0.53
N LYS A 25 -7.58 2.96 -1.11
CA LYS A 25 -8.03 3.21 -2.47
C LYS A 25 -7.11 2.51 -3.48
N LEU A 26 -5.87 2.27 -3.07
CA LEU A 26 -4.90 1.61 -3.94
C LEU A 26 -4.96 0.09 -3.76
N VAL A 27 -4.74 -0.38 -2.54
CA VAL A 27 -4.78 -1.80 -2.24
C VAL A 27 -6.07 -2.43 -2.74
N LYS A 28 -7.13 -1.64 -2.77
CA LYS A 28 -8.43 -2.12 -3.23
C LYS A 28 -8.45 -2.27 -4.75
N ASP A 29 -7.92 -1.27 -5.44
CA ASP A 29 -7.87 -1.28 -6.89
C ASP A 29 -6.59 -1.96 -7.40
N GLN A 30 -5.89 -2.62 -6.48
CA GLN A 30 -4.65 -3.31 -6.83
C GLN A 30 -4.72 -4.79 -6.45
N ALA A 31 -5.02 -5.04 -5.18
CA ALA A 31 -5.12 -6.41 -4.69
C ALA A 31 -6.33 -7.12 -5.28
N ASN A 32 -7.37 -6.35 -5.60
CA ASN A 32 -8.59 -6.91 -6.18
C ASN A 32 -8.66 -6.64 -7.68
N ALA A 33 -7.58 -6.07 -8.22
CA ALA A 33 -7.52 -5.77 -9.64
C ALA A 33 -6.41 -6.55 -10.32
N GLY A 34 -5.40 -6.95 -9.54
CA GLY A 34 -4.29 -7.70 -10.10
C GLY A 34 -2.95 -7.02 -9.87
N GLN A 35 -2.34 -7.29 -8.73
CA GLN A 35 -1.05 -6.69 -8.40
C GLN A 35 0.07 -7.32 -9.22
N GLN A 36 0.16 -6.91 -10.48
CA GLN A 36 1.19 -7.44 -11.38
C GLN A 36 2.45 -6.57 -11.33
N GLU A 37 2.34 -5.41 -10.70
CA GLU A 37 3.46 -4.50 -10.58
C GLU A 37 4.45 -4.98 -9.53
N PHE A 38 4.11 -4.78 -8.27
CA PHE A 38 4.97 -5.20 -7.16
C PHE A 38 4.61 -6.61 -6.69
N LYS A 39 5.54 -7.24 -5.98
CA LYS A 39 5.32 -8.59 -5.47
C LYS A 39 5.69 -8.68 -4.00
N LEU A 40 4.84 -8.12 -3.14
CA LEU A 40 5.08 -8.14 -1.71
C LEU A 40 3.81 -8.53 -0.95
N PRO A 41 3.95 -9.49 -0.02
CA PRO A 41 2.82 -9.96 0.79
C PRO A 41 2.34 -8.93 1.80
N LYS A 42 1.43 -9.33 2.67
CA LYS A 42 0.89 -8.43 3.68
C LYS A 42 1.71 -8.51 4.97
N ASP A 43 2.86 -9.14 4.89
CA ASP A 43 3.75 -9.29 6.05
C ASP A 43 4.81 -8.19 6.05
N PHE A 44 5.32 -7.87 4.87
CA PHE A 44 6.35 -6.84 4.74
C PHE A 44 5.84 -5.49 5.25
N THR A 45 4.52 -5.36 5.33
CA THR A 45 3.90 -4.13 5.80
C THR A 45 3.42 -4.26 7.24
N GLY A 46 3.43 -5.49 7.75
CA GLY A 46 2.99 -5.73 9.12
C GLY A 46 4.14 -5.69 10.11
N ARG A 47 5.24 -5.05 9.70
CA ARG A 47 6.42 -4.95 10.57
C ARG A 47 6.75 -3.48 10.87
N SER A 48 6.45 -2.61 9.91
CA SER A 48 6.72 -1.19 10.07
C SER A 48 6.04 -0.65 11.32
N LYS A 49 4.98 -1.31 11.75
CA LYS A 49 4.24 -0.90 12.94
C LYS A 49 3.88 0.58 12.87
N CYS A 50 3.17 0.97 11.82
CA CYS A 50 2.75 2.35 11.63
C CYS A 50 1.39 2.59 12.25
N ARG A 51 1.22 2.19 13.51
CA ARG A 51 -0.04 2.36 14.21
C ARG A 51 -0.52 3.81 14.12
N SER A 52 0.43 4.73 14.09
CA SER A 52 0.11 6.16 14.01
C SER A 52 1.39 7.00 13.90
N LEU A 53 2.33 6.55 13.09
CA LEU A 53 3.59 7.26 12.90
C LEU A 53 3.45 8.35 11.85
N GLY A 54 2.60 8.10 10.86
CA GLY A 54 2.39 9.08 9.81
C GLY A 54 0.97 9.61 9.77
N ARG A 55 0.44 9.96 10.95
CA ARG A 55 -0.91 10.48 11.05
C ARG A 55 -1.06 11.38 12.27
N ILE A 56 -1.41 12.65 12.03
CA ILE A 56 -1.58 13.61 13.11
C ILE A 56 -3.04 14.07 13.20
N LYS A 57 -3.96 13.15 13.01
CA LYS A 57 -5.39 13.46 13.07
C LYS A 57 -6.14 12.41 13.88
N GLY A 1 -0.53 7.60 -14.87
CA GLY A 1 0.42 6.50 -14.85
C GLY A 1 -0.24 5.17 -14.51
N SER A 2 -1.11 4.71 -15.40
CA SER A 2 -1.81 3.45 -15.20
C SER A 2 -0.85 2.27 -15.31
N ASN A 3 -1.25 1.14 -14.74
CA ASN A 3 -0.43 -0.07 -14.77
C ASN A 3 0.92 0.17 -14.08
N PRO A 4 0.88 0.27 -12.74
CA PRO A 4 2.08 0.50 -11.94
C PRO A 4 3.01 -0.71 -11.93
N ASP A 5 4.03 -0.66 -11.06
CA ASP A 5 4.99 -1.75 -10.94
C ASP A 5 5.11 -2.21 -9.50
N PRO A 6 5.63 -3.43 -9.30
CA PRO A 6 5.81 -4.01 -7.97
C PRO A 6 6.92 -3.31 -7.18
N GLN A 7 7.64 -2.42 -7.85
CA GLN A 7 8.72 -1.68 -7.22
C GLN A 7 8.21 -0.40 -6.58
N GLU A 8 7.23 0.22 -7.22
CA GLU A 8 6.64 1.46 -6.71
C GLU A 8 5.47 1.17 -5.78
N VAL A 9 4.67 0.16 -6.13
CA VAL A 9 3.52 -0.22 -5.32
C VAL A 9 3.96 -0.81 -3.99
N GLN A 10 4.91 -1.74 -4.05
CA GLN A 10 5.42 -2.39 -2.85
C GLN A 10 5.83 -1.36 -1.80
N ARG A 11 6.61 -0.37 -2.22
CA ARG A 11 7.08 0.67 -1.32
C ARG A 11 5.91 1.50 -0.79
N ALA A 12 4.79 1.45 -1.50
CA ALA A 12 3.60 2.19 -1.10
C ALA A 12 2.78 1.39 -0.09
N LEU A 13 2.85 0.06 -0.19
CA LEU A 13 2.11 -0.82 0.71
C LEU A 13 2.42 -0.47 2.17
N ALA A 14 3.63 -0.01 2.42
CA ALA A 14 4.05 0.35 3.77
C ALA A 14 3.69 1.81 4.08
N ARG A 15 3.49 2.60 3.04
CA ARG A 15 3.14 4.00 3.20
C ARG A 15 1.74 4.15 3.78
N ILE A 16 1.00 3.05 3.81
CA ILE A 16 -0.36 3.06 4.35
C ILE A 16 -0.36 3.51 5.81
N LEU A 17 0.81 3.43 6.45
CA LEU A 17 0.93 3.81 7.85
C LEU A 17 0.82 5.33 8.01
N CYS A 18 1.61 6.06 7.23
CA CYS A 18 1.60 7.52 7.28
C CYS A 18 0.60 8.09 6.28
N ALA A 19 0.00 7.21 5.49
CA ALA A 19 -0.99 7.63 4.49
C ALA A 19 -2.40 7.60 5.07
N LEU A 20 -2.93 6.39 5.25
CA LEU A 20 -4.27 6.23 5.81
C LEU A 20 -5.32 6.87 4.89
N GLY A 21 -4.93 7.12 3.64
CA GLY A 21 -5.84 7.72 2.69
C GLY A 21 -5.26 7.77 1.29
N GLU A 22 -4.11 8.43 1.14
CA GLU A 22 -3.46 8.54 -0.16
C GLU A 22 -3.10 7.17 -0.71
N LEU A 23 -2.92 6.20 0.19
CA LEU A 23 -2.56 4.84 -0.20
C LEU A 23 -3.82 4.00 -0.44
N ASP A 24 -4.92 4.40 0.20
CA ASP A 24 -6.17 3.68 0.07
C ASP A 24 -6.63 3.65 -1.39
N LYS A 25 -6.09 4.57 -2.19
CA LYS A 25 -6.45 4.66 -3.60
C LYS A 25 -5.54 3.77 -4.44
N LEU A 26 -4.74 2.95 -3.77
CA LEU A 26 -3.82 2.04 -4.46
C LEU A 26 -3.96 0.62 -3.94
N VAL A 27 -4.11 0.49 -2.62
CA VAL A 27 -4.26 -0.81 -1.99
C VAL A 27 -5.73 -1.21 -1.87
N LYS A 28 -6.56 -0.63 -2.75
CA LYS A 28 -7.99 -0.92 -2.74
C LYS A 28 -8.46 -1.36 -4.12
N ASP A 29 -8.08 -0.60 -5.14
CA ASP A 29 -8.47 -0.91 -6.51
C ASP A 29 -7.42 -1.80 -7.17
N GLN A 30 -6.46 -2.26 -6.38
CA GLN A 30 -5.39 -3.12 -6.90
C GLN A 30 -5.47 -4.51 -6.26
N ALA A 31 -5.45 -4.55 -4.94
CA ALA A 31 -5.51 -5.82 -4.21
C ALA A 31 -6.65 -6.69 -4.74
N ASN A 32 -7.77 -6.05 -5.08
CA ASN A 32 -8.93 -6.77 -5.60
C ASN A 32 -8.75 -7.11 -7.08
N ALA A 33 -8.10 -6.20 -7.80
CA ALA A 33 -7.87 -6.39 -9.23
C ALA A 33 -7.10 -7.68 -9.49
N GLY A 34 -6.38 -8.16 -8.48
CA GLY A 34 -5.61 -9.38 -8.62
C GLY A 34 -4.12 -9.14 -8.52
N GLN A 35 -3.74 -8.08 -7.82
CA GLN A 35 -2.33 -7.73 -7.65
C GLN A 35 -1.53 -8.05 -8.92
N GLN A 36 -1.67 -7.19 -9.92
CA GLN A 36 -0.97 -7.37 -11.18
C GLN A 36 0.49 -6.95 -11.07
N GLU A 37 0.80 -6.21 -10.01
CA GLU A 37 2.16 -5.74 -9.78
C GLU A 37 2.89 -6.63 -8.79
N PHE A 38 2.57 -6.49 -7.51
CA PHE A 38 3.19 -7.29 -6.46
C PHE A 38 2.54 -8.66 -6.36
N LYS A 39 3.12 -9.53 -5.54
CA LYS A 39 2.59 -10.87 -5.34
C LYS A 39 2.87 -11.37 -3.93
N LEU A 40 2.85 -10.45 -2.97
CA LEU A 40 3.11 -10.80 -1.57
C LEU A 40 2.09 -10.14 -0.65
N PRO A 41 1.95 -10.69 0.57
CA PRO A 41 1.01 -10.16 1.56
C PRO A 41 1.46 -8.81 2.11
N LYS A 42 0.82 -8.37 3.20
CA LYS A 42 1.15 -7.10 3.83
C LYS A 42 2.23 -7.28 4.89
N ASP A 43 3.34 -7.89 4.50
CA ASP A 43 4.45 -8.12 5.41
C ASP A 43 5.50 -7.02 5.28
N PHE A 44 5.45 -6.29 4.18
CA PHE A 44 6.39 -5.20 3.93
C PHE A 44 5.84 -3.88 4.44
N THR A 45 4.79 -3.95 5.24
CA THR A 45 4.16 -2.76 5.80
C THR A 45 4.17 -2.80 7.33
N GLY A 46 4.54 -3.95 7.88
CA GLY A 46 4.59 -4.09 9.32
C GLY A 46 5.98 -3.88 9.88
N ARG A 47 6.84 -3.25 9.09
CA ARG A 47 8.22 -3.00 9.51
C ARG A 47 8.49 -1.50 9.61
N SER A 48 7.82 -0.73 8.76
CA SER A 48 7.99 0.71 8.75
C SER A 48 7.69 1.32 10.12
N LYS A 49 7.85 2.63 10.24
CA LYS A 49 7.59 3.32 11.49
C LYS A 49 6.97 4.69 11.23
N CYS A 50 5.78 4.91 11.79
CA CYS A 50 5.08 6.17 11.62
C CYS A 50 4.24 6.50 12.85
N ARG A 51 4.62 7.56 13.56
CA ARG A 51 3.90 7.98 14.76
C ARG A 51 2.48 8.42 14.41
N SER A 52 2.29 8.88 13.17
CA SER A 52 0.99 9.34 12.72
C SER A 52 0.03 8.17 12.55
N LEU A 53 -0.58 7.74 13.66
CA LEU A 53 -1.53 6.64 13.64
C LEU A 53 -2.62 6.83 14.69
N GLY A 54 -3.81 7.20 14.24
CA GLY A 54 -4.92 7.41 15.15
C GLY A 54 -5.96 6.31 15.06
N ARG A 55 -6.83 6.40 14.07
CA ARG A 55 -7.88 5.41 13.87
C ARG A 55 -8.74 5.29 15.13
N ILE A 56 -8.73 6.32 15.95
CA ILE A 56 -9.51 6.33 17.18
C ILE A 56 -10.61 7.38 17.12
N LYS A 57 -11.04 7.70 15.91
CA LYS A 57 -12.10 8.70 15.71
C LYS A 57 -12.62 8.65 14.28
N GLY A 1 -2.03 6.57 -16.14
CA GLY A 1 -1.10 5.54 -15.72
C GLY A 1 -1.67 4.14 -15.90
N SER A 2 -1.06 3.36 -16.77
CA SER A 2 -1.52 2.00 -17.04
C SER A 2 -0.36 1.02 -16.95
N ASN A 3 -0.61 -0.12 -16.30
CA ASN A 3 0.42 -1.15 -16.15
C ASN A 3 1.62 -0.60 -15.39
N PRO A 4 1.46 -0.37 -14.09
CA PRO A 4 2.53 0.15 -13.23
C PRO A 4 3.64 -0.86 -13.01
N ASP A 5 4.55 -0.54 -12.09
CA ASP A 5 5.66 -1.43 -11.78
C ASP A 5 5.75 -1.69 -10.28
N PRO A 6 6.46 -2.77 -9.91
CA PRO A 6 6.63 -3.15 -8.51
C PRO A 6 7.53 -2.18 -7.75
N GLN A 7 8.10 -1.22 -8.47
CA GLN A 7 8.97 -0.22 -7.86
C GLN A 7 8.18 0.94 -7.30
N GLU A 8 7.14 1.35 -8.03
CA GLU A 8 6.30 2.46 -7.61
C GLU A 8 5.12 1.97 -6.77
N VAL A 9 4.56 0.82 -7.16
CA VAL A 9 3.43 0.24 -6.45
C VAL A 9 3.84 -0.21 -5.05
N GLN A 10 4.90 -1.01 -4.97
CA GLN A 10 5.38 -1.51 -3.69
C GLN A 10 5.59 -0.36 -2.70
N ARG A 11 6.29 0.68 -3.14
CA ARG A 11 6.56 1.83 -2.30
C ARG A 11 5.26 2.42 -1.77
N ALA A 12 4.17 2.21 -2.50
CA ALA A 12 2.86 2.72 -2.10
C ALA A 12 2.18 1.78 -1.12
N LEU A 13 2.55 0.50 -1.18
CA LEU A 13 1.97 -0.51 -0.30
C LEU A 13 2.05 -0.06 1.17
N ALA A 14 3.21 0.47 1.55
CA ALA A 14 3.43 0.93 2.92
C ALA A 14 2.86 2.33 3.11
N ARG A 15 2.60 3.02 2.00
CA ARG A 15 2.07 4.37 2.05
C ARG A 15 0.58 4.36 2.41
N ILE A 16 0.00 3.16 2.48
CA ILE A 16 -1.41 3.01 2.81
C ILE A 16 -1.71 3.55 4.20
N LEU A 17 -0.66 3.67 5.02
CA LEU A 17 -0.82 4.18 6.38
C LEU A 17 -0.60 5.69 6.43
N CYS A 18 0.13 6.21 5.43
CA CYS A 18 0.40 7.63 5.36
C CYS A 18 -0.66 8.35 4.53
N ALA A 19 -0.80 7.94 3.27
CA ALA A 19 -1.78 8.53 2.38
C ALA A 19 -3.16 8.59 3.02
N LEU A 20 -3.71 7.41 3.30
CA LEU A 20 -5.03 7.31 3.92
C LEU A 20 -6.10 7.90 3.01
N GLY A 21 -6.60 7.09 2.10
CA GLY A 21 -7.63 7.54 1.18
C GLY A 21 -7.14 7.63 -0.25
N GLU A 22 -5.83 7.84 -0.42
CA GLU A 22 -5.24 7.94 -1.74
C GLU A 22 -4.75 6.58 -2.22
N LEU A 23 -4.02 5.88 -1.37
CA LEU A 23 -3.49 4.56 -1.70
C LEU A 23 -4.61 3.58 -2.01
N ASP A 24 -5.81 3.91 -1.55
CA ASP A 24 -6.98 3.05 -1.78
C ASP A 24 -7.26 2.91 -3.26
N LYS A 25 -6.71 3.82 -4.06
CA LYS A 25 -6.89 3.79 -5.51
C LYS A 25 -5.83 2.91 -6.17
N LEU A 26 -4.96 2.33 -5.36
CA LEU A 26 -3.90 1.46 -5.87
C LEU A 26 -3.96 0.08 -5.23
N VAL A 27 -4.23 0.05 -3.93
CA VAL A 27 -4.33 -1.21 -3.19
C VAL A 27 -5.76 -1.72 -3.17
N LYS A 28 -6.50 -1.44 -4.23
CA LYS A 28 -7.89 -1.87 -4.33
C LYS A 28 -8.08 -2.83 -5.50
N ASP A 29 -7.92 -2.31 -6.71
CA ASP A 29 -8.06 -3.10 -7.92
C ASP A 29 -7.03 -4.23 -7.96
N GLN A 30 -5.81 -3.89 -8.37
CA GLN A 30 -4.73 -4.86 -8.45
C GLN A 30 -4.62 -5.67 -7.15
N ALA A 31 -4.97 -5.02 -6.04
CA ALA A 31 -4.91 -5.68 -4.74
C ALA A 31 -5.65 -7.02 -4.75
N ASN A 32 -6.60 -7.14 -5.67
CA ASN A 32 -7.38 -8.36 -5.80
C ASN A 32 -7.59 -8.73 -7.27
N ALA A 33 -6.89 -8.03 -8.16
CA ALA A 33 -7.01 -8.28 -9.59
C ALA A 33 -5.96 -9.29 -10.04
N GLY A 34 -4.87 -9.40 -9.29
CA GLY A 34 -3.82 -10.33 -9.64
C GLY A 34 -2.45 -9.85 -9.21
N GLN A 35 -2.35 -8.56 -8.92
CA GLN A 35 -1.09 -7.96 -8.49
C GLN A 35 0.09 -8.67 -9.17
N GLN A 36 0.26 -8.40 -10.46
CA GLN A 36 1.34 -9.01 -11.23
C GLN A 36 2.63 -8.20 -11.07
N GLU A 37 2.50 -6.99 -10.54
CA GLU A 37 3.65 -6.12 -10.34
C GLU A 37 4.50 -6.58 -9.16
N PHE A 38 4.03 -6.29 -7.95
CA PHE A 38 4.73 -6.67 -6.74
C PHE A 38 4.07 -7.88 -6.08
N LYS A 39 4.66 -8.35 -4.99
CA LYS A 39 4.12 -9.49 -4.26
C LYS A 39 4.39 -9.37 -2.77
N LEU A 40 3.56 -8.61 -2.08
CA LEU A 40 3.71 -8.40 -0.65
C LEU A 40 2.35 -8.35 0.05
N PRO A 41 2.30 -8.80 1.31
CA PRO A 41 1.07 -8.81 2.11
C PRO A 41 0.62 -7.40 2.48
N LYS A 42 -0.68 -7.25 2.74
CA LYS A 42 -1.25 -5.97 3.12
C LYS A 42 -1.25 -5.80 4.64
N ASP A 43 -0.73 -6.79 5.35
CA ASP A 43 -0.67 -6.75 6.79
C ASP A 43 0.70 -6.28 7.28
N PHE A 44 1.70 -6.43 6.42
CA PHE A 44 3.06 -6.03 6.75
C PHE A 44 3.10 -4.56 7.18
N THR A 45 2.11 -3.78 6.73
CA THR A 45 2.04 -2.37 7.07
C THR A 45 1.34 -2.17 8.42
N GLY A 46 1.84 -2.86 9.44
CA GLY A 46 1.26 -2.74 10.77
C GLY A 46 1.82 -1.55 11.53
N ARG A 47 2.93 -1.00 11.05
CA ARG A 47 3.56 0.14 11.70
C ARG A 47 4.80 0.59 10.94
N SER A 48 4.80 1.84 10.49
CA SER A 48 5.92 2.39 9.73
C SER A 48 6.41 3.69 10.35
N LYS A 49 6.01 3.93 11.60
CA LYS A 49 6.40 5.15 12.31
C LYS A 49 5.85 6.38 11.61
N CYS A 50 4.88 6.18 10.74
CA CYS A 50 4.26 7.28 10.00
C CYS A 50 3.41 8.15 10.94
N ARG A 51 3.20 7.66 12.15
CA ARG A 51 2.40 8.39 13.13
C ARG A 51 0.97 8.54 12.67
N SER A 52 0.53 7.64 11.80
CA SER A 52 -0.83 7.67 11.27
C SER A 52 -1.37 6.26 11.05
N LEU A 53 -1.20 5.41 12.06
CA LEU A 53 -1.67 4.04 11.98
C LEU A 53 -3.05 3.89 12.61
N GLY A 54 -3.19 4.37 13.85
CA GLY A 54 -4.46 4.28 14.54
C GLY A 54 -4.30 4.26 16.05
N ARG A 55 -4.09 3.07 16.61
CA ARG A 55 -3.93 2.91 18.04
C ARG A 55 -2.50 2.48 18.38
N ILE A 56 -1.59 3.45 18.44
CA ILE A 56 -0.20 3.16 18.76
C ILE A 56 0.18 3.71 20.13
N LYS A 57 -0.81 3.82 21.02
CA LYS A 57 -0.58 4.33 22.36
C LYS A 57 -1.53 3.67 23.36
N GLY A 1 -3.03 3.31 -13.70
CA GLY A 1 -2.39 2.35 -14.58
C GLY A 1 -2.99 0.97 -14.47
N SER A 2 -3.11 0.28 -15.61
CA SER A 2 -3.68 -1.06 -15.63
C SER A 2 -2.64 -2.09 -15.23
N ASN A 3 -1.45 -1.98 -15.81
CA ASN A 3 -0.36 -2.90 -15.51
C ASN A 3 0.88 -2.16 -15.02
N PRO A 4 0.80 -1.62 -13.80
CA PRO A 4 1.90 -0.87 -13.19
C PRO A 4 3.07 -1.77 -12.81
N ASP A 5 4.02 -1.21 -12.07
CA ASP A 5 5.19 -1.97 -11.64
C ASP A 5 5.27 -2.02 -10.12
N PRO A 6 6.06 -2.97 -9.61
CA PRO A 6 6.24 -3.17 -8.16
C PRO A 6 7.03 -2.04 -7.53
N GLN A 7 7.56 -1.14 -8.37
CA GLN A 7 8.33 -0.01 -7.88
C GLN A 7 7.43 1.03 -7.20
N GLU A 8 6.30 1.31 -7.84
CA GLU A 8 5.35 2.28 -7.29
C GLU A 8 4.32 1.60 -6.41
N VAL A 9 4.00 0.35 -6.74
CA VAL A 9 3.03 -0.41 -5.97
C VAL A 9 3.57 -0.78 -4.59
N GLN A 10 4.65 -1.54 -4.57
CA GLN A 10 5.26 -1.96 -3.32
C GLN A 10 5.48 -0.77 -2.39
N ARG A 11 6.08 0.30 -2.92
CA ARG A 11 6.33 1.50 -2.14
C ARG A 11 5.06 1.98 -1.44
N ALA A 12 3.93 1.84 -2.13
CA ALA A 12 2.65 2.26 -1.58
C ALA A 12 2.13 1.26 -0.56
N LEU A 13 2.34 -0.03 -0.84
CA LEU A 13 1.90 -1.09 0.06
C LEU A 13 2.36 -0.82 1.48
N ALA A 14 3.57 -0.27 1.62
CA ALA A 14 4.12 0.04 2.93
C ALA A 14 3.69 1.43 3.40
N ARG A 15 3.34 2.29 2.45
CA ARG A 15 2.91 3.64 2.76
C ARG A 15 1.53 3.64 3.40
N ILE A 16 0.87 2.48 3.39
CA ILE A 16 -0.45 2.34 3.97
C ILE A 16 -0.46 2.77 5.43
N LEU A 17 0.70 2.71 6.08
CA LEU A 17 0.83 3.10 7.47
C LEU A 17 0.94 4.61 7.61
N CYS A 18 1.42 5.27 6.55
CA CYS A 18 1.58 6.72 6.56
C CYS A 18 0.33 7.39 6.00
N ALA A 19 -0.01 7.06 4.75
CA ALA A 19 -1.19 7.63 4.10
C ALA A 19 -2.42 7.51 4.99
N LEU A 20 -2.80 6.29 5.31
CA LEU A 20 -3.96 6.04 6.15
C LEU A 20 -5.24 6.52 5.47
N GLY A 21 -5.17 6.70 4.16
CA GLY A 21 -6.33 7.16 3.41
C GLY A 21 -6.03 7.37 1.94
N GLU A 22 -4.87 7.97 1.67
CA GLU A 22 -4.47 8.24 0.28
C GLU A 22 -3.98 6.96 -0.39
N LEU A 23 -3.60 5.98 0.41
CA LEU A 23 -3.12 4.70 -0.11
C LEU A 23 -4.27 3.84 -0.61
N ASP A 24 -5.48 4.14 -0.15
CA ASP A 24 -6.67 3.40 -0.55
C ASP A 24 -6.88 3.50 -2.06
N LYS A 25 -6.24 4.50 -2.68
CA LYS A 25 -6.37 4.70 -4.11
C LYS A 25 -5.30 3.92 -4.87
N LEU A 26 -4.59 3.05 -4.15
CA LEU A 26 -3.55 2.23 -4.76
C LEU A 26 -3.83 0.75 -4.55
N VAL A 27 -4.03 0.36 -3.30
CA VAL A 27 -4.31 -1.03 -2.96
C VAL A 27 -5.82 -1.31 -2.98
N LYS A 28 -6.50 -0.79 -4.00
CA LYS A 28 -7.94 -0.98 -4.14
C LYS A 28 -8.31 -1.27 -5.59
N ASP A 29 -8.16 -0.26 -6.44
CA ASP A 29 -8.47 -0.40 -7.86
C ASP A 29 -7.33 -1.06 -8.61
N GLN A 30 -6.11 -0.83 -8.14
CA GLN A 30 -4.92 -1.39 -8.77
C GLN A 30 -4.83 -2.90 -8.49
N ALA A 31 -4.71 -3.25 -7.22
CA ALA A 31 -4.62 -4.65 -6.82
C ALA A 31 -5.74 -5.47 -7.45
N ASN A 32 -6.94 -4.91 -7.49
CA ASN A 32 -8.09 -5.58 -8.05
C ASN A 32 -7.88 -5.86 -9.54
N ALA A 33 -7.26 -4.91 -10.23
CA ALA A 33 -6.99 -5.06 -11.66
C ALA A 33 -6.03 -6.21 -11.92
N GLY A 34 -5.34 -6.65 -10.88
CA GLY A 34 -4.40 -7.75 -11.03
C GLY A 34 -3.06 -7.47 -10.35
N GLN A 35 -2.97 -7.82 -9.07
CA GLN A 35 -1.76 -7.60 -8.30
C GLN A 35 -0.66 -8.57 -8.74
N GLN A 36 -0.05 -8.29 -9.89
CA GLN A 36 1.02 -9.14 -10.41
C GLN A 36 2.38 -8.47 -10.25
N GLU A 37 2.36 -7.18 -9.94
CA GLU A 37 3.60 -6.42 -9.76
C GLU A 37 4.48 -7.06 -8.69
N PHE A 38 4.11 -6.84 -7.43
CA PHE A 38 4.87 -7.40 -6.31
C PHE A 38 4.63 -8.90 -6.18
N LYS A 39 5.51 -9.58 -5.46
CA LYS A 39 5.40 -11.02 -5.27
C LYS A 39 5.21 -11.35 -3.79
N LEU A 40 4.56 -10.44 -3.06
CA LEU A 40 4.31 -10.63 -1.64
C LEU A 40 2.96 -10.05 -1.24
N PRO A 41 2.42 -10.53 -0.11
CA PRO A 41 1.13 -10.07 0.41
C PRO A 41 1.19 -8.64 0.93
N LYS A 42 0.07 -8.17 1.48
CA LYS A 42 0.01 -6.81 2.02
C LYS A 42 0.39 -6.81 3.50
N ASP A 43 0.22 -7.95 4.15
CA ASP A 43 0.55 -8.07 5.58
C ASP A 43 2.04 -7.79 5.81
N PHE A 44 2.84 -7.96 4.76
CA PHE A 44 4.27 -7.73 4.85
C PHE A 44 4.58 -6.37 5.46
N THR A 45 3.66 -5.42 5.25
CA THR A 45 3.83 -4.07 5.78
C THR A 45 3.02 -3.87 7.06
N GLY A 46 3.26 -4.73 8.04
CA GLY A 46 2.56 -4.63 9.30
C GLY A 46 3.28 -3.77 10.32
N ARG A 47 4.18 -2.93 9.83
CA ARG A 47 4.96 -2.05 10.70
C ARG A 47 5.81 -1.08 9.88
N SER A 48 6.04 0.11 10.44
CA SER A 48 6.83 1.12 9.77
C SER A 48 7.30 2.19 10.74
N LYS A 49 7.97 3.21 10.22
CA LYS A 49 8.46 4.31 11.05
C LYS A 49 7.41 5.39 11.22
N CYS A 50 6.46 5.43 10.30
CA CYS A 50 5.39 6.42 10.34
C CYS A 50 4.18 5.88 11.11
N ARG A 51 4.45 5.32 12.29
CA ARG A 51 3.38 4.76 13.11
C ARG A 51 2.34 5.82 13.44
N SER A 52 1.33 5.43 14.22
CA SER A 52 0.27 6.35 14.61
C SER A 52 0.75 7.32 15.69
N LEU A 53 1.40 8.40 15.25
CA LEU A 53 1.91 9.40 16.18
C LEU A 53 0.78 10.27 16.72
N GLY A 54 -0.28 10.40 15.94
CA GLY A 54 -1.41 11.20 16.36
C GLY A 54 -2.73 10.46 16.23
N ARG A 55 -3.11 9.72 17.25
CA ARG A 55 -4.36 8.96 17.23
C ARG A 55 -5.19 9.25 18.47
N ILE A 56 -6.21 10.09 18.30
CA ILE A 56 -7.09 10.45 19.40
C ILE A 56 -8.46 9.80 19.25
N LYS A 57 -8.50 8.66 18.57
CA LYS A 57 -9.75 7.94 18.35
C LYS A 57 -9.98 6.91 19.45
N GLY A 1 -4.85 4.45 -18.44
CA GLY A 1 -5.50 3.62 -17.45
C GLY A 1 -4.66 3.42 -16.21
N SER A 2 -5.24 2.81 -15.18
CA SER A 2 -4.54 2.58 -13.93
C SER A 2 -3.80 1.24 -13.97
N ASN A 3 -2.52 1.29 -14.33
CA ASN A 3 -1.69 0.09 -14.42
C ASN A 3 -0.26 0.37 -13.95
N PRO A 4 -0.10 0.52 -12.63
CA PRO A 4 1.22 0.79 -12.04
C PRO A 4 2.17 -0.40 -12.13
N ASP A 5 3.29 -0.31 -11.42
CA ASP A 5 4.28 -1.40 -11.43
C ASP A 5 4.59 -1.84 -10.00
N PRO A 6 5.16 -3.05 -9.88
CA PRO A 6 5.54 -3.61 -8.58
C PRO A 6 6.72 -2.88 -7.95
N GLN A 7 7.30 -1.95 -8.69
CA GLN A 7 8.44 -1.18 -8.19
C GLN A 7 7.97 0.07 -7.47
N GLU A 8 6.92 0.69 -7.99
CA GLU A 8 6.37 1.91 -7.39
C GLU A 8 5.29 1.56 -6.36
N VAL A 9 4.57 0.48 -6.60
CA VAL A 9 3.51 0.05 -5.69
C VAL A 9 4.10 -0.56 -4.42
N GLN A 10 5.08 -1.44 -4.59
CA GLN A 10 5.72 -2.10 -3.46
C GLN A 10 6.21 -1.07 -2.44
N ARG A 11 6.93 -0.05 -2.93
CA ARG A 11 7.45 0.99 -2.06
C ARG A 11 6.32 1.75 -1.38
N ALA A 12 5.12 1.64 -1.94
CA ALA A 12 3.95 2.32 -1.38
C ALA A 12 3.28 1.46 -0.31
N LEU A 13 3.43 0.15 -0.43
CA LEU A 13 2.83 -0.77 0.53
C LEU A 13 3.32 -0.48 1.94
N ALA A 14 4.50 0.13 2.05
CA ALA A 14 5.07 0.47 3.34
C ALA A 14 4.59 1.84 3.80
N ARG A 15 4.03 2.61 2.88
CA ARG A 15 3.52 3.94 3.20
C ARG A 15 2.07 3.89 3.65
N ILE A 16 1.47 2.70 3.55
CA ILE A 16 0.08 2.52 3.95
C ILE A 16 -0.11 2.78 5.43
N LEU A 17 0.92 2.54 6.22
CA LEU A 17 0.88 2.76 7.66
C LEU A 17 1.15 4.22 7.99
N CYS A 18 1.83 4.92 7.09
CA CYS A 18 2.15 6.33 7.29
C CYS A 18 1.04 7.22 6.74
N ALA A 19 0.85 7.16 5.43
CA ALA A 19 -0.18 7.96 4.76
C ALA A 19 -1.53 7.80 5.45
N LEU A 20 -1.98 6.56 5.58
CA LEU A 20 -3.26 6.27 6.21
C LEU A 20 -4.40 6.93 5.46
N GLY A 21 -4.15 7.29 4.21
CA GLY A 21 -5.17 7.94 3.41
C GLY A 21 -4.77 8.07 1.95
N GLU A 22 -3.54 8.51 1.72
CA GLU A 22 -3.03 8.67 0.37
C GLU A 22 -2.77 7.32 -0.30
N LEU A 23 -2.34 6.36 0.50
CA LEU A 23 -2.05 5.02 0.01
C LEU A 23 -3.33 4.20 -0.13
N ASP A 24 -4.35 4.59 0.64
CA ASP A 24 -5.63 3.89 0.61
C ASP A 24 -6.23 3.90 -0.80
N LYS A 25 -5.77 4.86 -1.62
CA LYS A 25 -6.27 4.98 -2.99
C LYS A 25 -5.60 3.97 -3.90
N LEU A 26 -4.42 3.49 -3.50
CA LEU A 26 -3.69 2.51 -4.28
C LEU A 26 -3.94 1.10 -3.77
N VAL A 27 -3.63 0.87 -2.49
CA VAL A 27 -3.84 -0.43 -1.88
C VAL A 27 -5.25 -0.95 -2.13
N LYS A 28 -6.20 -0.03 -2.24
CA LYS A 28 -7.59 -0.39 -2.50
C LYS A 28 -7.85 -0.56 -3.98
N ASP A 29 -7.16 0.23 -4.79
CA ASP A 29 -7.32 0.17 -6.25
C ASP A 29 -6.34 -0.83 -6.86
N GLN A 30 -5.76 -1.67 -6.01
CA GLN A 30 -4.81 -2.69 -6.47
C GLN A 30 -5.12 -4.05 -5.85
N ALA A 31 -5.14 -4.10 -4.53
CA ALA A 31 -5.42 -5.35 -3.82
C ALA A 31 -6.89 -5.74 -3.96
N ASN A 32 -7.72 -4.76 -4.31
CA ASN A 32 -9.15 -5.01 -4.48
C ASN A 32 -9.61 -4.64 -5.89
N ALA A 33 -8.65 -4.26 -6.73
CA ALA A 33 -8.94 -3.90 -8.10
C ALA A 33 -8.21 -4.81 -9.09
N GLY A 34 -7.08 -5.35 -8.66
CA GLY A 34 -6.32 -6.24 -9.52
C GLY A 34 -4.82 -6.15 -9.25
N GLN A 35 -4.35 -6.93 -8.29
CA GLN A 35 -2.93 -6.93 -7.93
C GLN A 35 -2.11 -7.64 -9.01
N GLN A 36 -1.87 -6.94 -10.12
CA GLN A 36 -1.10 -7.51 -11.22
C GLN A 36 0.38 -7.13 -11.09
N GLU A 37 0.66 -6.17 -10.22
CA GLU A 37 2.03 -5.72 -10.01
C GLU A 37 2.74 -6.60 -8.98
N PHE A 38 2.41 -6.40 -7.71
CA PHE A 38 3.01 -7.17 -6.63
C PHE A 38 2.09 -8.29 -6.19
N LYS A 39 2.66 -9.48 -6.00
CA LYS A 39 1.89 -10.65 -5.57
C LYS A 39 2.41 -11.18 -4.25
N LEU A 40 2.82 -10.29 -3.36
CA LEU A 40 3.34 -10.67 -2.06
C LEU A 40 2.53 -10.01 -0.93
N PRO A 41 2.62 -10.60 0.26
CA PRO A 41 1.91 -10.09 1.44
C PRO A 41 2.49 -8.77 1.94
N LYS A 42 1.66 -7.97 2.60
CA LYS A 42 2.08 -6.69 3.13
C LYS A 42 2.75 -6.85 4.49
N ASP A 43 2.88 -8.10 4.93
CA ASP A 43 3.51 -8.39 6.21
C ASP A 43 4.89 -7.75 6.31
N PHE A 44 5.56 -7.62 5.17
CA PHE A 44 6.88 -7.03 5.12
C PHE A 44 6.86 -5.59 5.62
N THR A 45 5.69 -4.96 5.53
CA THR A 45 5.53 -3.58 5.97
C THR A 45 5.14 -3.51 7.44
N GLY A 46 5.88 -4.23 8.27
CA GLY A 46 5.58 -4.24 9.70
C GLY A 46 6.82 -3.96 10.55
N ARG A 47 7.83 -3.36 9.93
CA ARG A 47 9.05 -3.02 10.63
C ARG A 47 9.27 -1.51 10.68
N SER A 48 8.57 -0.79 9.80
CA SER A 48 8.69 0.66 9.74
C SER A 48 8.48 1.27 11.12
N LYS A 49 8.89 2.53 11.27
CA LYS A 49 8.76 3.23 12.54
C LYS A 49 7.55 4.17 12.52
N CYS A 50 7.15 4.59 11.32
CA CYS A 50 6.01 5.47 11.16
C CYS A 50 4.69 4.72 11.38
N ARG A 51 4.35 4.49 12.65
CA ARG A 51 3.12 3.79 12.99
C ARG A 51 1.90 4.55 12.47
N SER A 52 0.73 4.17 12.97
CA SER A 52 -0.51 4.80 12.56
C SER A 52 -0.88 5.94 13.52
N LEU A 53 -0.47 7.15 13.17
CA LEU A 53 -0.75 8.32 14.00
C LEU A 53 -1.70 9.27 13.29
N GLY A 54 -2.52 8.73 12.40
CA GLY A 54 -3.47 9.55 11.66
C GLY A 54 -4.84 8.92 11.58
N ARG A 55 -5.11 7.99 12.50
CA ARG A 55 -6.41 7.30 12.52
C ARG A 55 -7.24 7.75 13.73
N ILE A 56 -7.77 8.97 13.65
CA ILE A 56 -8.58 9.51 14.72
C ILE A 56 -10.02 9.74 14.28
N LYS A 57 -10.58 8.73 13.61
CA LYS A 57 -11.96 8.81 13.12
C LYS A 57 -12.95 8.66 14.27
N GLY A 1 2.58 4.26 -20.00
CA GLY A 1 1.85 3.03 -19.73
C GLY A 1 0.46 3.28 -19.19
N SER A 2 -0.28 2.21 -18.94
CA SER A 2 -1.63 2.31 -18.42
C SER A 2 -1.65 2.15 -16.90
N ASN A 3 -0.84 1.21 -16.40
CA ASN A 3 -0.76 0.95 -14.97
C ASN A 3 0.65 1.24 -14.45
N PRO A 4 0.76 1.43 -13.12
CA PRO A 4 2.04 1.70 -12.48
C PRO A 4 2.97 0.49 -12.47
N ASP A 5 4.07 0.60 -11.73
CA ASP A 5 5.03 -0.49 -11.64
C ASP A 5 5.18 -0.97 -10.21
N PRO A 6 5.72 -2.19 -10.05
CA PRO A 6 5.93 -2.80 -8.73
C PRO A 6 7.03 -2.09 -7.93
N GLN A 7 7.71 -1.15 -8.59
CA GLN A 7 8.79 -0.41 -7.94
C GLN A 7 8.22 0.67 -7.01
N GLU A 8 7.20 1.37 -7.48
CA GLU A 8 6.57 2.42 -6.69
C GLU A 8 5.41 1.87 -5.86
N VAL A 9 4.69 0.91 -6.43
CA VAL A 9 3.56 0.29 -5.75
C VAL A 9 4.01 -0.47 -4.51
N GLN A 10 4.94 -1.40 -4.69
CA GLN A 10 5.46 -2.19 -3.59
C GLN A 10 5.92 -1.31 -2.44
N ARG A 11 6.74 -0.31 -2.78
CA ARG A 11 7.26 0.62 -1.78
C ARG A 11 6.12 1.30 -1.02
N ALA A 12 4.95 1.35 -1.64
CA ALA A 12 3.78 1.97 -1.03
C ALA A 12 3.06 0.98 -0.11
N LEU A 13 3.25 -0.31 -0.38
CA LEU A 13 2.61 -1.35 0.42
C LEU A 13 2.86 -1.13 1.91
N ALA A 14 4.08 -0.72 2.24
CA ALA A 14 4.45 -0.47 3.64
C ALA A 14 4.04 0.94 4.07
N ARG A 15 3.81 1.81 3.09
CA ARG A 15 3.41 3.18 3.36
C ARG A 15 1.98 3.24 3.89
N ILE A 16 1.28 2.11 3.81
CA ILE A 16 -0.10 2.03 4.29
C ILE A 16 -0.20 2.46 5.75
N LEU A 17 0.91 2.34 6.47
CA LEU A 17 0.94 2.72 7.88
C LEU A 17 1.15 4.22 8.04
N CYS A 18 1.77 4.83 7.04
CA CYS A 18 2.03 6.27 7.05
C CYS A 18 0.89 7.04 6.42
N ALA A 19 0.59 6.73 5.16
CA ALA A 19 -0.48 7.39 4.43
C ALA A 19 -1.77 7.39 5.24
N LEU A 20 -2.31 6.19 5.49
CA LEU A 20 -3.54 6.06 6.25
C LEU A 20 -4.70 6.72 5.53
N GLY A 21 -5.33 5.97 4.61
CA GLY A 21 -6.46 6.50 3.87
C GLY A 21 -6.12 6.76 2.42
N GLU A 22 -4.84 6.99 2.14
CA GLU A 22 -4.38 7.25 0.78
C GLU A 22 -3.94 5.96 0.09
N LEU A 23 -3.11 5.20 0.78
CA LEU A 23 -2.61 3.93 0.24
C LEU A 23 -3.75 2.94 0.02
N ASP A 24 -4.86 3.17 0.70
CA ASP A 24 -6.03 2.31 0.57
C ASP A 24 -6.54 2.30 -0.87
N LYS A 25 -6.14 3.29 -1.65
CA LYS A 25 -6.56 3.40 -3.04
C LYS A 25 -5.65 2.57 -3.93
N LEU A 26 -4.45 2.26 -3.45
CA LEU A 26 -3.49 1.47 -4.20
C LEU A 26 -3.50 0.01 -3.75
N VAL A 27 -3.79 -0.19 -2.47
CA VAL A 27 -3.83 -1.53 -1.90
C VAL A 27 -5.23 -2.13 -2.00
N LYS A 28 -6.07 -1.51 -2.83
CA LYS A 28 -7.43 -1.98 -3.03
C LYS A 28 -7.72 -2.26 -4.49
N ASP A 29 -7.56 -1.23 -5.32
CA ASP A 29 -7.79 -1.35 -6.75
C ASP A 29 -6.71 -2.22 -7.40
N GLN A 30 -5.46 -1.91 -7.09
CA GLN A 30 -4.34 -2.66 -7.65
C GLN A 30 -4.43 -4.14 -7.29
N ALA A 31 -4.47 -4.42 -5.99
CA ALA A 31 -4.56 -5.80 -5.51
C ALA A 31 -5.79 -6.49 -6.08
N ASN A 32 -6.78 -5.71 -6.48
CA ASN A 32 -8.01 -6.26 -7.05
C ASN A 32 -8.10 -5.96 -8.55
N ALA A 33 -6.95 -5.69 -9.16
CA ALA A 33 -6.90 -5.39 -10.59
C ALA A 33 -6.13 -6.47 -11.34
N GLY A 34 -5.54 -7.40 -10.60
CA GLY A 34 -4.79 -8.47 -11.21
C GLY A 34 -3.38 -8.60 -10.64
N GLN A 35 -2.97 -7.59 -9.88
CA GLN A 35 -1.64 -7.59 -9.28
C GLN A 35 -0.57 -7.92 -10.31
N GLN A 36 -0.75 -7.40 -11.53
CA GLN A 36 0.20 -7.65 -12.61
C GLN A 36 1.56 -7.01 -12.29
N GLU A 37 1.57 -6.11 -11.32
CA GLU A 37 2.79 -5.43 -10.93
C GLU A 37 3.44 -6.12 -9.72
N PHE A 38 2.87 -5.89 -8.54
CA PHE A 38 3.38 -6.49 -7.32
C PHE A 38 2.35 -7.40 -6.68
N LYS A 39 2.82 -8.38 -5.91
CA LYS A 39 1.93 -9.32 -5.24
C LYS A 39 2.18 -9.32 -3.74
N LEU A 40 3.07 -8.45 -3.28
CA LEU A 40 3.39 -8.35 -1.87
C LEU A 40 2.13 -8.23 -1.03
N PRO A 41 1.81 -9.30 -0.28
CA PRO A 41 0.63 -9.34 0.58
C PRO A 41 0.76 -8.42 1.80
N LYS A 42 -0.18 -8.53 2.73
CA LYS A 42 -0.16 -7.71 3.93
C LYS A 42 0.80 -8.29 4.97
N ASP A 43 2.07 -8.42 4.58
CA ASP A 43 3.09 -8.95 5.47
C ASP A 43 4.15 -7.90 5.77
N PHE A 44 4.29 -6.94 4.87
CA PHE A 44 5.27 -5.88 5.03
C PHE A 44 4.64 -4.64 5.65
N THR A 45 3.54 -4.85 6.38
CA THR A 45 2.83 -3.75 7.03
C THR A 45 2.83 -3.92 8.54
N GLY A 46 3.69 -4.81 9.03
CA GLY A 46 3.77 -5.06 10.46
C GLY A 46 4.89 -4.27 11.11
N ARG A 47 5.37 -3.24 10.42
CA ARG A 47 6.45 -2.40 10.95
C ARG A 47 6.64 -1.17 10.09
N SER A 48 6.92 -0.04 10.72
CA SER A 48 7.12 1.22 10.02
C SER A 48 7.44 2.35 10.99
N LYS A 49 7.80 3.51 10.45
CA LYS A 49 8.13 4.67 11.26
C LYS A 49 7.15 5.81 11.01
N CYS A 50 6.03 5.79 11.74
CA CYS A 50 5.01 6.82 11.59
C CYS A 50 4.12 6.88 12.83
N ARG A 51 4.11 8.03 13.50
CA ARG A 51 3.29 8.20 14.69
C ARG A 51 1.82 7.90 14.40
N SER A 52 1.43 8.06 13.14
CA SER A 52 0.05 7.81 12.73
C SER A 52 -0.15 6.34 12.36
N LEU A 53 -0.31 5.50 13.38
CA LEU A 53 -0.51 4.06 13.16
C LEU A 53 -1.96 3.77 12.77
N GLY A 54 -2.88 4.50 13.38
CA GLY A 54 -4.29 4.30 13.09
C GLY A 54 -5.18 5.28 13.83
N ARG A 55 -5.23 6.52 13.34
CA ARG A 55 -6.04 7.55 13.96
C ARG A 55 -7.10 8.06 13.00
N ILE A 56 -8.32 7.54 13.14
CA ILE A 56 -9.42 7.95 12.27
C ILE A 56 -10.37 8.88 13.00
N LYS A 57 -9.86 9.59 14.01
CA LYS A 57 -10.64 10.52 14.79
C LYS A 57 -10.91 11.80 13.99
N GLY A 1 -0.99 5.87 -11.83
CA GLY A 1 -2.39 5.84 -11.45
C GLY A 1 -3.17 4.79 -12.22
N SER A 2 -2.94 4.73 -13.53
CA SER A 2 -3.63 3.76 -14.38
C SER A 2 -2.77 2.52 -14.59
N ASN A 3 -1.47 2.72 -14.69
CA ASN A 3 -0.54 1.61 -14.89
C ASN A 3 0.80 1.89 -14.21
N PRO A 4 0.80 1.84 -12.87
CA PRO A 4 2.01 2.07 -12.07
C PRO A 4 3.03 0.96 -12.22
N ASP A 5 4.06 1.00 -11.38
CA ASP A 5 5.11 -0.02 -11.41
C ASP A 5 5.32 -0.63 -10.03
N PRO A 6 5.95 -1.81 -10.00
CA PRO A 6 6.23 -2.53 -8.76
C PRO A 6 7.28 -1.83 -7.90
N GLN A 7 7.89 -0.79 -8.46
CA GLN A 7 8.93 -0.04 -7.75
C GLN A 7 8.31 1.13 -6.99
N GLU A 8 7.25 1.69 -7.54
CA GLU A 8 6.57 2.83 -6.91
C GLU A 8 5.47 2.35 -5.98
N VAL A 9 4.75 1.32 -6.40
CA VAL A 9 3.66 0.76 -5.60
C VAL A 9 4.20 0.06 -4.36
N GLN A 10 5.24 -0.74 -4.55
CA GLN A 10 5.85 -1.47 -3.45
C GLN A 10 6.17 -0.54 -2.28
N ARG A 11 6.84 0.57 -2.58
CA ARG A 11 7.20 1.54 -1.55
C ARG A 11 5.97 1.99 -0.77
N ALA A 12 4.81 1.91 -1.41
CA ALA A 12 3.57 2.31 -0.78
C ALA A 12 2.95 1.16 0.01
N LEU A 13 3.29 -0.07 -0.39
CA LEU A 13 2.77 -1.26 0.28
C LEU A 13 3.01 -1.18 1.79
N ALA A 14 4.18 -0.68 2.17
CA ALA A 14 4.53 -0.56 3.58
C ALA A 14 4.05 0.77 4.14
N ARG A 15 3.66 1.68 3.26
CA ARG A 15 3.17 2.99 3.68
C ARG A 15 1.70 2.92 4.07
N ILE A 16 1.09 1.76 3.87
CA ILE A 16 -0.31 1.56 4.20
C ILE A 16 -0.55 1.73 5.69
N LEU A 17 0.39 1.25 6.49
CA LEU A 17 0.29 1.34 7.95
C LEU A 17 -0.07 2.76 8.37
N CYS A 18 0.57 3.75 7.74
CA CYS A 18 0.32 5.14 8.05
C CYS A 18 -0.77 5.72 7.15
N ALA A 19 -0.79 5.26 5.89
CA ALA A 19 -1.78 5.74 4.93
C ALA A 19 -3.03 4.86 4.97
N LEU A 20 -3.58 4.67 6.16
CA LEU A 20 -4.77 3.85 6.32
C LEU A 20 -5.98 4.52 5.68
N GLY A 21 -5.83 5.80 5.33
CA GLY A 21 -6.91 6.54 4.72
C GLY A 21 -6.53 7.12 3.37
N GLU A 22 -5.64 6.43 2.66
CA GLU A 22 -5.18 6.90 1.35
C GLU A 22 -4.66 5.72 0.52
N LEU A 23 -3.76 4.94 1.10
CA LEU A 23 -3.19 3.80 0.40
C LEU A 23 -4.27 2.82 -0.03
N ASP A 24 -5.42 2.89 0.63
CA ASP A 24 -6.54 2.02 0.32
C ASP A 24 -6.98 2.21 -1.14
N LYS A 25 -6.62 3.34 -1.72
CA LYS A 25 -6.98 3.65 -3.09
C LYS A 25 -6.03 2.96 -4.07
N LEU A 26 -4.79 2.78 -3.64
CA LEU A 26 -3.78 2.12 -4.47
C LEU A 26 -3.85 0.60 -4.31
N VAL A 27 -3.78 0.14 -3.08
CA VAL A 27 -3.83 -1.29 -2.79
C VAL A 27 -5.08 -1.93 -3.37
N LYS A 28 -6.11 -1.11 -3.57
CA LYS A 28 -7.38 -1.59 -4.13
C LYS A 28 -7.26 -1.78 -5.63
N ASP A 29 -6.35 -1.04 -6.25
CA ASP A 29 -6.15 -1.13 -7.69
C ASP A 29 -5.09 -2.18 -8.03
N GLN A 30 -4.74 -2.99 -7.03
CA GLN A 30 -3.75 -4.04 -7.22
C GLN A 30 -4.19 -5.34 -6.56
N ALA A 31 -4.26 -5.32 -5.22
CA ALA A 31 -4.66 -6.49 -4.47
C ALA A 31 -6.03 -6.99 -4.92
N ASN A 32 -6.83 -6.09 -5.47
CA ASN A 32 -8.16 -6.43 -5.94
C ASN A 32 -8.29 -6.21 -7.45
N ALA A 33 -7.15 -5.95 -8.09
CA ALA A 33 -7.14 -5.72 -9.53
C ALA A 33 -6.43 -6.85 -10.26
N GLY A 34 -5.61 -7.61 -9.53
CA GLY A 34 -4.89 -8.72 -10.13
C GLY A 34 -3.39 -8.58 -9.98
N GLN A 35 -2.97 -7.69 -9.09
CA GLN A 35 -1.55 -7.46 -8.86
C GLN A 35 -0.76 -7.53 -10.17
N GLN A 36 -0.79 -6.46 -10.94
CA GLN A 36 -0.09 -6.40 -12.22
C GLN A 36 1.32 -5.86 -12.03
N GLU A 37 1.59 -5.29 -10.87
CA GLU A 37 2.90 -4.72 -10.57
C GLU A 37 3.59 -5.52 -9.47
N PHE A 38 3.17 -5.30 -8.23
CA PHE A 38 3.75 -5.99 -7.08
C PHE A 38 2.83 -7.11 -6.60
N LYS A 39 3.39 -8.03 -5.84
CA LYS A 39 2.62 -9.16 -5.31
C LYS A 39 3.12 -9.56 -3.93
N LEU A 40 3.83 -8.65 -3.27
CA LEU A 40 4.37 -8.91 -1.94
C LEU A 40 3.25 -8.93 -0.90
N PRO A 41 3.48 -9.67 0.19
CA PRO A 41 2.51 -9.79 1.29
C PRO A 41 2.35 -8.49 2.07
N LYS A 42 1.20 -8.33 2.72
CA LYS A 42 0.94 -7.13 3.50
C LYS A 42 1.37 -7.33 4.95
N ASP A 43 1.24 -8.55 5.44
CA ASP A 43 1.63 -8.87 6.81
C ASP A 43 3.07 -8.46 7.08
N PHE A 44 3.91 -8.57 6.06
CA PHE A 44 5.33 -8.22 6.19
C PHE A 44 5.47 -6.80 6.72
N THR A 45 4.47 -5.96 6.47
CA THR A 45 4.50 -4.58 6.92
C THR A 45 3.71 -4.41 8.22
N GLY A 46 4.01 -5.26 9.20
CA GLY A 46 3.32 -5.18 10.48
C GLY A 46 3.70 -3.96 11.28
N ARG A 47 4.85 -3.36 10.93
CA ARG A 47 5.32 -2.17 11.62
C ARG A 47 6.54 -1.59 10.92
N SER A 48 6.60 -0.27 10.83
CA SER A 48 7.71 0.42 10.18
C SER A 48 8.03 1.73 10.88
N LYS A 49 7.19 2.73 10.67
CA LYS A 49 7.39 4.04 11.28
C LYS A 49 6.11 4.49 12.01
N CYS A 50 4.97 4.19 11.43
CA CYS A 50 3.69 4.56 12.02
C CYS A 50 3.03 3.35 12.70
N ARG A 51 2.71 2.34 11.91
CA ARG A 51 2.08 1.13 12.44
C ARG A 51 0.81 1.49 13.22
N SER A 52 -0.23 1.89 12.50
CA SER A 52 -1.49 2.26 13.12
C SER A 52 -1.27 3.27 14.24
N LEU A 53 -1.12 4.53 13.87
CA LEU A 53 -0.90 5.59 14.84
C LEU A 53 -2.23 6.05 15.46
N GLY A 54 -3.23 6.24 14.62
CA GLY A 54 -4.54 6.67 15.09
C GLY A 54 -4.83 8.11 14.75
N ARG A 55 -3.78 8.89 14.51
CA ARG A 55 -3.93 10.30 14.18
C ARG A 55 -3.86 10.51 12.67
N ILE A 56 -5.01 10.42 12.00
CA ILE A 56 -5.08 10.59 10.56
C ILE A 56 -5.88 11.84 10.20
N LYS A 57 -5.93 12.80 11.12
CA LYS A 57 -6.65 14.04 10.90
C LYS A 57 -5.74 15.26 11.09
N GLY A 1 5.07 -1.75 -22.46
CA GLY A 1 4.55 -1.73 -21.12
C GLY A 1 3.08 -2.14 -21.07
N SER A 2 2.76 -3.06 -20.17
CA SER A 2 1.39 -3.55 -20.03
C SER A 2 0.89 -3.33 -18.60
N ASN A 3 1.54 -3.97 -17.64
CA ASN A 3 1.16 -3.85 -16.24
C ASN A 3 2.32 -3.31 -15.40
N PRO A 4 1.99 -2.77 -14.22
CA PRO A 4 2.99 -2.21 -13.30
C PRO A 4 3.88 -3.28 -12.69
N ASP A 5 4.68 -2.89 -11.70
CA ASP A 5 5.57 -3.81 -11.02
C ASP A 5 5.34 -3.80 -9.51
N PRO A 6 5.83 -4.84 -8.84
CA PRO A 6 5.69 -4.97 -7.38
C PRO A 6 6.52 -3.95 -6.61
N GLN A 7 7.35 -3.21 -7.34
CA GLN A 7 8.21 -2.20 -6.74
C GLN A 7 7.47 -0.86 -6.63
N GLU A 8 6.71 -0.52 -7.67
CA GLU A 8 5.96 0.74 -7.68
C GLU A 8 4.73 0.64 -6.76
N VAL A 9 4.00 -0.46 -6.89
CA VAL A 9 2.81 -0.67 -6.08
C VAL A 9 3.16 -0.84 -4.61
N GLN A 10 4.33 -1.40 -4.35
CA GLN A 10 4.79 -1.62 -2.98
C GLN A 10 4.88 -0.30 -2.23
N ARG A 11 5.51 0.69 -2.85
CA ARG A 11 5.68 2.01 -2.23
C ARG A 11 4.33 2.55 -1.75
N ALA A 12 3.28 2.29 -2.52
CA ALA A 12 1.94 2.74 -2.17
C ALA A 12 1.34 1.89 -1.05
N LEU A 13 1.63 0.60 -1.09
CA LEU A 13 1.11 -0.33 -0.10
C LEU A 13 1.39 0.18 1.31
N ALA A 14 2.59 0.72 1.52
CA ALA A 14 2.97 1.26 2.81
C ALA A 14 2.41 2.66 3.02
N ARG A 15 2.09 3.33 1.92
CA ARG A 15 1.55 4.68 1.98
C ARG A 15 0.12 4.67 2.51
N ILE A 16 -0.45 3.48 2.63
CA ILE A 16 -1.81 3.33 3.13
C ILE A 16 -1.97 4.00 4.50
N LEU A 17 -0.86 4.16 5.20
CA LEU A 17 -0.87 4.78 6.52
C LEU A 17 -0.81 6.30 6.41
N CYS A 18 -0.19 6.78 5.34
CA CYS A 18 -0.05 8.21 5.11
C CYS A 18 -1.22 8.74 4.27
N ALA A 19 -1.28 8.29 3.02
CA ALA A 19 -2.33 8.71 2.11
C ALA A 19 -3.70 8.61 2.77
N LEU A 20 -4.15 7.39 3.01
CA LEU A 20 -5.45 7.16 3.64
C LEU A 20 -6.59 7.67 2.75
N GLY A 21 -7.11 6.79 1.90
CA GLY A 21 -8.19 7.17 1.01
C GLY A 21 -7.75 7.30 -0.43
N GLU A 22 -6.61 7.97 -0.64
CA GLU A 22 -6.09 8.15 -1.99
C GLU A 22 -5.32 6.92 -2.45
N LEU A 23 -4.93 6.09 -1.49
CA LEU A 23 -4.19 4.87 -1.80
C LEU A 23 -5.04 3.91 -2.62
N ASP A 24 -6.36 4.05 -2.52
CA ASP A 24 -7.28 3.20 -3.26
C ASP A 24 -6.99 3.26 -4.76
N LYS A 25 -6.39 4.35 -5.20
CA LYS A 25 -6.06 4.55 -6.61
C LYS A 25 -4.94 3.60 -7.04
N LEU A 26 -4.30 2.96 -6.05
CA LEU A 26 -3.21 2.03 -6.33
C LEU A 26 -3.52 0.65 -5.76
N VAL A 27 -3.60 0.57 -4.44
CA VAL A 27 -3.89 -0.70 -3.77
C VAL A 27 -5.10 -1.39 -4.39
N LYS A 28 -6.28 -0.83 -4.18
CA LYS A 28 -7.50 -1.38 -4.73
C LYS A 28 -7.45 -1.41 -6.26
N ASP A 29 -6.55 -0.63 -6.83
CA ASP A 29 -6.40 -0.57 -8.28
C ASP A 29 -5.80 -1.86 -8.81
N GLN A 30 -4.58 -2.17 -8.36
CA GLN A 30 -3.89 -3.38 -8.80
C GLN A 30 -4.47 -4.61 -8.11
N ALA A 31 -4.68 -4.51 -6.81
CA ALA A 31 -5.23 -5.62 -6.03
C ALA A 31 -6.50 -6.16 -6.69
N ASN A 32 -7.17 -5.32 -7.46
CA ASN A 32 -8.40 -5.72 -8.14
C ASN A 32 -8.10 -6.35 -9.49
N ALA A 33 -7.43 -5.59 -10.35
CA ALA A 33 -7.08 -6.08 -11.69
C ALA A 33 -5.57 -6.01 -11.91
N GLY A 34 -4.83 -6.84 -11.17
CA GLY A 34 -3.38 -6.85 -11.31
C GLY A 34 -2.68 -7.10 -9.98
N GLN A 35 -2.82 -8.31 -9.46
CA GLN A 35 -2.19 -8.68 -8.20
C GLN A 35 -0.78 -9.22 -8.42
N GLN A 36 -0.29 -9.07 -9.64
CA GLN A 36 1.05 -9.55 -9.99
C GLN A 36 2.12 -8.63 -9.40
N GLU A 37 1.71 -7.43 -9.00
CA GLU A 37 2.64 -6.46 -8.43
C GLU A 37 2.59 -6.50 -6.91
N PHE A 38 3.01 -7.62 -6.34
CA PHE A 38 3.01 -7.79 -4.88
C PHE A 38 4.07 -8.80 -4.46
N LYS A 39 5.16 -8.31 -3.88
CA LYS A 39 6.24 -9.17 -3.42
C LYS A 39 6.10 -9.49 -1.94
N LEU A 40 5.14 -8.84 -1.28
CA LEU A 40 4.90 -9.05 0.14
C LEU A 40 3.43 -8.81 0.48
N PRO A 41 2.99 -9.38 1.61
CA PRO A 41 1.60 -9.23 2.08
C PRO A 41 1.29 -7.82 2.54
N LYS A 42 0.09 -7.63 3.08
CA LYS A 42 -0.34 -6.32 3.57
C LYS A 42 0.25 -6.04 4.95
N ASP A 43 0.46 -7.09 5.73
CA ASP A 43 1.01 -6.95 7.07
C ASP A 43 2.32 -6.16 7.03
N PHE A 44 3.06 -6.30 5.94
CA PHE A 44 4.33 -5.60 5.77
C PHE A 44 4.14 -4.10 5.92
N THR A 45 2.93 -3.62 5.66
CA THR A 45 2.62 -2.21 5.75
C THR A 45 2.09 -1.85 7.14
N GLY A 46 2.72 -2.40 8.17
CA GLY A 46 2.30 -2.14 9.54
C GLY A 46 3.46 -1.77 10.44
N ARG A 47 4.51 -1.23 9.84
CA ARG A 47 5.70 -0.84 10.61
C ARG A 47 5.91 0.67 10.54
N SER A 48 5.64 1.25 9.37
CA SER A 48 5.80 2.68 9.17
C SER A 48 4.98 3.47 10.19
N LYS A 49 5.17 4.79 10.19
CA LYS A 49 4.44 5.66 11.11
C LYS A 49 4.15 7.01 10.46
N CYS A 50 2.88 7.36 10.38
CA CYS A 50 2.46 8.63 9.79
C CYS A 50 1.46 9.35 10.69
N ARG A 51 1.72 9.32 11.99
CA ARG A 51 0.85 9.97 12.96
C ARG A 51 -0.59 9.48 12.81
N SER A 52 -0.74 8.25 12.30
CA SER A 52 -2.07 7.68 12.11
C SER A 52 -2.04 6.18 12.41
N LEU A 53 -1.40 5.81 13.51
CA LEU A 53 -1.31 4.42 13.92
C LEU A 53 -2.36 4.08 14.97
N GLY A 54 -2.48 4.95 15.97
CA GLY A 54 -3.45 4.72 17.03
C GLY A 54 -2.80 4.52 18.38
N ARG A 55 -2.82 5.58 19.21
CA ARG A 55 -2.23 5.52 20.53
C ARG A 55 -3.28 5.13 21.58
N ILE A 56 -3.53 3.83 21.71
CA ILE A 56 -4.51 3.34 22.67
C ILE A 56 -3.88 3.19 24.06
N LYS A 57 -2.59 3.49 24.16
CA LYS A 57 -1.87 3.40 25.42
C LYS A 57 -2.24 4.56 26.34
#